data_5Y6K
#
_entry.id   5Y6K
#
_cell.length_a   138.012
_cell.length_b   155.752
_cell.length_c   107.554
_cell.angle_alpha   90.000
_cell.angle_beta   90.000
_cell.angle_gamma   90.000
#
_symmetry.space_group_name_H-M   'C 2 2 21'
#
loop_
_entity.id
_entity.type
_entity.pdbx_description
1 polymer Serotransferrin
2 non-polymer 'MALONATE ION'
3 non-polymer 'FE (III) ION'
4 non-polymer '(2S)-6-[2-(7-azido-4-methyl-2-oxidanylidene-chromen-3-yl)ethanoylamino]-2-[bis(2-hydroxy-2-oxoethyl)amino]hexanoic acid'
5 water water
#
_entity_poly.entity_id   1
_entity_poly.type   'polypeptide(L)'
_entity_poly.pdbx_seq_one_letter_code
;VPDKTVRWCAVSEHEATKCQSFRDHMKSVIPSDGPSVACVKKASYLDCIRAIAANEADAVTLDAGLVYDAYLAPNNLKPV
VAEFYGSKEDPQTFYYAVAVVKKDSGFQMNQLRGKKSCHTGLGRSAGWNIPIGLLYCDLPEPRKPLEKAVANFFSGSCAP
CADGTDFPQLCQLCPGCGCSTLNQYFGYSGAFKCLKDGAGDVAFVKHSTIFENLANKADRDQYELLCLDNTRKPVDEYKD
CHLAQVPSHTVVARSMGGKEDLIWELLNQAQEHFGKDKSKEFQLFSSPHGKDLLFKDSAHGFLKVPPRMDAKMYLGYEYV
TAIRNLREGTCPEAPTDECKPVKWCALSHHERLKCDEWSVNSVGKIECVSAETTEDCIAKIMNGEADAMSLDGGFVYIAG
KCGLVPVLAENYNKSDNCEDTPEAGYFAIAVVKKSASDLTWDNLKGKKSCHTAVGRTAGWNIPMGLLYNKINHCRFDEFF
SEGCAPGSKKDSSLCKLCMGSGLNLCEPNNKEGYYGYTGAFRCLVEKGDVAFVKHQTVPQNTGGKNPDPWAKNLNEKDYE
LLCLDGTRKPVEEYANCHLARAPNHAVVTRKDKEACVHKILRQQQHLFGSNVTDCSGNFCLFRSETKDLLFRDDTVCLAK
LHDRNTYEKYLGEEYVKAVGNLRKCSTSSLLEACTFRRP
;
_entity_poly.pdbx_strand_id   A
#
loop_
_chem_comp.id
_chem_comp.type
_chem_comp.name
_chem_comp.formula
8R6 non-polymer '(2S)-6-[2-(7-azido-4-methyl-2-oxidanylidene-chromen-3-yl)ethanoylamino]-2-[bis(2-hydroxy-2-oxoethyl)amino]hexanoic acid' 'C22 H25 N5 O9'
FE non-polymer 'FE (III) ION' 'Fe 3'
MLI non-polymer 'MALONATE ION' 'C3 H2 O4 -2'
#
# COMPACT_ATOMS: atom_id res chain seq x y z
N ASP A 3 -25.64 2.93 25.57
CA ASP A 3 -24.87 1.69 25.78
C ASP A 3 -23.68 1.67 24.82
N LYS A 4 -22.61 1.02 25.25
CA LYS A 4 -21.47 0.75 24.39
C LYS A 4 -21.47 -0.74 24.01
N THR A 5 -22.49 -1.14 23.27
CA THR A 5 -22.72 -2.53 22.95
C THR A 5 -22.20 -2.86 21.53
N VAL A 6 -21.47 -3.97 21.42
CA VAL A 6 -21.05 -4.53 20.15
C VAL A 6 -21.94 -5.73 19.88
N ARG A 7 -22.76 -5.64 18.84
CA ARG A 7 -23.65 -6.73 18.46
C ARG A 7 -22.91 -7.66 17.50
N TRP A 8 -22.49 -8.81 18.01
CA TRP A 8 -21.75 -9.75 17.22
C TRP A 8 -22.68 -10.69 16.50
N CYS A 9 -22.38 -10.95 15.23
CA CYS A 9 -23.25 -11.77 14.37
C CYS A 9 -22.69 -13.18 14.30
N ALA A 10 -23.48 -14.15 14.68
CA ALA A 10 -23.17 -15.57 14.53
C ALA A 10 -23.95 -16.15 13.36
N VAL A 11 -23.40 -17.17 12.75
CA VAL A 11 -24.02 -17.82 11.59
C VAL A 11 -24.44 -19.26 11.90
N SER A 12 -24.41 -19.67 13.15
CA SER A 12 -24.85 -21.00 13.52
C SER A 12 -25.25 -21.00 14.99
N GLU A 13 -25.99 -22.02 15.40
CA GLU A 13 -26.41 -22.13 16.78
C GLU A 13 -25.23 -22.36 17.73
N HIS A 14 -24.25 -23.13 17.31
CA HIS A 14 -23.02 -23.27 18.12
C HIS A 14 -22.30 -21.93 18.23
N GLU A 15 -22.11 -21.23 17.10
CA GLU A 15 -21.49 -19.90 17.16
C GLU A 15 -22.28 -18.96 18.09
N ALA A 16 -23.60 -19.06 18.07
CA ALA A 16 -24.42 -18.25 18.93
C ALA A 16 -24.19 -18.60 20.39
N THR A 17 -24.14 -19.90 20.68
CA THR A 17 -23.92 -20.35 22.06
C THR A 17 -22.59 -19.88 22.62
N LYS A 18 -21.54 -20.05 21.85
CA LYS A 18 -20.24 -19.52 22.25
C LYS A 18 -20.31 -18.00 22.41
N CYS A 19 -20.96 -17.33 21.48
CA CYS A 19 -21.09 -15.86 21.56
C CYS A 19 -21.77 -15.47 22.86
N GLN A 20 -22.78 -16.22 23.27
CA GLN A 20 -23.49 -15.90 24.54
C GLN A 20 -22.58 -16.12 25.73
N SER A 21 -21.76 -17.16 25.67
CA SER A 21 -20.73 -17.38 26.70
C SER A 21 -19.70 -16.23 26.69
N PHE A 22 -19.21 -15.89 25.51
CA PHE A 22 -18.40 -14.70 25.35
C PHE A 22 -19.04 -13.50 26.05
N ARG A 23 -20.32 -13.27 25.77
CA ARG A 23 -21.02 -12.17 26.38
C ARG A 23 -20.95 -12.22 27.92
N ASP A 24 -21.27 -13.38 28.49
CA ASP A 24 -21.41 -13.46 29.95
C ASP A 24 -20.08 -13.28 30.67
N HIS A 25 -19.02 -13.88 30.16
CA HIS A 25 -17.70 -13.76 30.82
C HIS A 25 -17.09 -12.37 30.72
N MET A 26 -17.37 -11.66 29.63
CA MET A 26 -16.92 -10.28 29.50
C MET A 26 -17.38 -9.41 30.64
N LYS A 27 -18.58 -9.68 31.16
CA LYS A 27 -19.20 -8.80 32.16
C LYS A 27 -18.54 -8.94 33.51
N SER A 28 -17.89 -10.09 33.75
CA SER A 28 -17.09 -10.29 34.95
C SER A 28 -15.74 -9.59 34.85
N VAL A 29 -15.39 -9.05 33.69
CA VAL A 29 -14.03 -8.58 33.44
C VAL A 29 -14.00 -7.09 33.11
N ILE A 30 -15.03 -6.59 32.42
CA ILE A 30 -15.04 -5.23 31.91
C ILE A 30 -15.88 -4.37 32.84
N PRO A 31 -15.37 -3.20 33.26
CA PRO A 31 -16.18 -2.31 34.10
C PRO A 31 -17.42 -1.82 33.36
N SER A 32 -18.43 -1.43 34.12
CA SER A 32 -19.73 -1.12 33.56
C SER A 32 -19.70 0.05 32.58
N ASP A 33 -18.66 0.89 32.64
CA ASP A 33 -18.49 1.95 31.66
C ASP A 33 -17.81 1.49 30.38
N GLY A 34 -17.67 0.17 30.20
CA GLY A 34 -16.90 -0.38 29.10
C GLY A 34 -17.77 -1.15 28.10
N PRO A 35 -17.15 -1.73 27.09
CA PRO A 35 -17.90 -2.41 26.04
C PRO A 35 -18.53 -3.71 26.49
N SER A 36 -19.71 -3.99 25.98
CA SER A 36 -20.44 -5.22 26.22
C SER A 36 -20.76 -5.88 24.88
N VAL A 37 -21.37 -7.06 24.93
CA VAL A 37 -21.55 -7.93 23.77
C VAL A 37 -23.02 -8.28 23.67
N ALA A 38 -23.50 -8.37 22.44
CA ALA A 38 -24.80 -8.91 22.15
C ALA A 38 -24.64 -9.84 20.94
N CYS A 39 -25.43 -10.91 20.95
CA CYS A 39 -25.28 -12.00 20.02
C CYS A 39 -26.49 -12.03 19.10
N VAL A 40 -26.33 -11.50 17.90
CA VAL A 40 -27.30 -11.66 16.81
C VAL A 40 -26.97 -12.92 16.04
N LYS A 41 -27.99 -13.72 15.75
CA LYS A 41 -27.82 -14.96 14.99
C LYS A 41 -28.53 -14.85 13.63
N LYS A 42 -27.79 -15.17 12.56
CA LYS A 42 -28.32 -15.20 11.22
C LYS A 42 -28.01 -16.57 10.59
N ALA A 43 -28.59 -16.78 9.40
CA ALA A 43 -28.41 -18.04 8.67
C ALA A 43 -27.06 -18.24 7.97
N SER A 44 -26.36 -17.17 7.61
CA SER A 44 -25.20 -17.29 6.75
C SER A 44 -24.35 -16.04 6.91
N TYR A 45 -23.13 -16.13 6.43
CA TYR A 45 -22.22 -15.00 6.47
C TYR A 45 -22.80 -13.81 5.71
N LEU A 46 -23.56 -14.06 4.65
CA LEU A 46 -24.13 -12.96 3.87
C LEU A 46 -25.28 -12.28 4.58
N ASP A 47 -26.11 -13.05 5.25
CA ASP A 47 -27.13 -12.45 6.12
C ASP A 47 -26.50 -11.62 7.23
N CYS A 48 -25.37 -12.08 7.76
CA CYS A 48 -24.63 -11.28 8.74
C CYS A 48 -24.14 -9.97 8.12
N ILE A 49 -23.49 -10.08 6.97
CA ILE A 49 -23.04 -8.89 6.23
C ILE A 49 -24.22 -7.91 6.05
N ARG A 50 -25.36 -8.43 5.63
CA ARG A 50 -26.52 -7.59 5.41
C ARG A 50 -27.07 -7.02 6.73
N ALA A 51 -27.05 -7.83 7.79
CA ALA A 51 -27.48 -7.37 9.07
C ALA A 51 -26.60 -6.19 9.54
N ILE A 52 -25.29 -6.34 9.42
CA ILE A 52 -24.36 -5.30 9.85
C ILE A 52 -24.61 -4.02 9.06
N ALA A 53 -24.79 -4.16 7.75
CA ALA A 53 -25.02 -2.98 6.92
C ALA A 53 -26.38 -2.35 7.20
N ALA A 54 -27.38 -3.17 7.51
CA ALA A 54 -28.70 -2.69 7.89
C ALA A 54 -28.74 -2.14 9.32
N ASN A 55 -27.61 -2.07 10.01
CA ASN A 55 -27.53 -1.55 11.36
C ASN A 55 -28.31 -2.39 12.37
N GLU A 56 -28.40 -3.68 12.10
CA GLU A 56 -28.95 -4.65 13.03
C GLU A 56 -27.86 -5.46 13.72
N ALA A 57 -26.61 -5.23 13.36
CA ALA A 57 -25.47 -5.86 14.03
C ALA A 57 -24.23 -5.03 13.67
N ASP A 58 -23.12 -5.35 14.29
CA ASP A 58 -21.94 -4.51 14.17
C ASP A 58 -20.68 -5.22 13.67
N ALA A 59 -20.55 -6.53 13.90
CA ALA A 59 -19.28 -7.19 13.66
C ALA A 59 -19.44 -8.64 13.33
N VAL A 60 -18.61 -9.13 12.42
CA VAL A 60 -18.51 -10.56 12.10
C VAL A 60 -17.13 -10.82 11.54
N THR A 61 -16.67 -12.07 11.63
CA THR A 61 -15.35 -12.47 11.10
C THR A 61 -15.51 -13.25 9.80
N LEU A 62 -14.77 -12.87 8.78
CA LEU A 62 -14.92 -13.46 7.50
C LEU A 62 -13.68 -13.83 6.78
N ASP A 63 -13.85 -14.62 5.76
CA ASP A 63 -12.79 -15.06 4.84
C ASP A 63 -12.67 -14.01 3.76
N ALA A 64 -11.54 -14.07 3.08
CA ALA A 64 -11.20 -13.04 2.11
C ALA A 64 -12.24 -12.94 1.07
N GLY A 65 -12.78 -14.05 0.61
CA GLY A 65 -13.85 -13.95 -0.40
C GLY A 65 -15.05 -13.17 0.12
N LEU A 66 -15.45 -13.45 1.35
CA LEU A 66 -16.60 -12.74 1.96
C LEU A 66 -16.26 -11.29 2.29
N VAL A 67 -15.01 -11.01 2.65
CA VAL A 67 -14.59 -9.64 2.87
C VAL A 67 -14.80 -8.81 1.60
N TYR A 68 -14.68 -9.47 0.43
CA TYR A 68 -14.97 -8.78 -0.83
C TYR A 68 -16.50 -8.53 -0.96
N ASP A 69 -17.30 -9.56 -0.70
CA ASP A 69 -18.75 -9.39 -0.70
C ASP A 69 -19.19 -8.28 0.26
N ALA A 70 -18.64 -8.31 1.47
CA ALA A 70 -19.04 -7.34 2.48
C ALA A 70 -18.73 -5.91 2.05
N TYR A 71 -17.74 -5.75 1.18
CA TYR A 71 -17.34 -4.41 0.76
C TYR A 71 -18.21 -3.90 -0.36
N LEU A 72 -18.63 -4.77 -1.26
CA LEU A 72 -19.47 -4.36 -2.38
C LEU A 72 -20.69 -3.60 -1.92
N ALA A 73 -21.10 -2.62 -2.72
CA ALA A 73 -22.38 -1.95 -2.46
C ALA A 73 -23.51 -2.96 -2.61
N PRO A 74 -24.56 -2.85 -1.80
CA PRO A 74 -24.85 -1.76 -0.84
C PRO A 74 -24.36 -2.00 0.60
N ASN A 75 -23.51 -3.00 0.81
CA ASN A 75 -23.11 -3.36 2.17
C ASN A 75 -22.01 -2.41 2.70
N ASN A 76 -20.98 -2.16 1.89
CA ASN A 76 -19.96 -1.16 2.22
C ASN A 76 -19.38 -1.33 3.62
N LEU A 77 -18.93 -2.55 3.91
CA LEU A 77 -18.23 -2.81 5.15
C LEU A 77 -16.72 -2.76 4.90
N LYS A 78 -15.95 -2.62 5.99
CA LYS A 78 -14.51 -2.51 5.91
C LYS A 78 -13.84 -3.38 6.95
N PRO A 79 -12.54 -3.69 6.77
CA PRO A 79 -11.81 -4.46 7.78
C PRO A 79 -11.39 -3.58 8.94
N VAL A 80 -11.47 -4.13 10.16
CA VAL A 80 -11.16 -3.35 11.38
C VAL A 80 -10.24 -4.09 12.31
N VAL A 81 -10.39 -5.39 12.42
CA VAL A 81 -9.51 -6.20 13.26
C VAL A 81 -9.11 -7.47 12.48
N ALA A 82 -7.89 -7.92 12.71
CA ALA A 82 -7.31 -9.05 12.05
C ALA A 82 -6.89 -10.07 13.03
N GLU A 83 -7.30 -11.33 12.81
CA GLU A 83 -6.72 -12.43 13.56
C GLU A 83 -5.29 -12.60 13.05
N PHE A 84 -4.38 -12.96 13.97
CA PHE A 84 -3.03 -13.32 13.60
C PHE A 84 -2.70 -14.68 14.15
N TYR A 85 -1.68 -15.29 13.57
CA TYR A 85 -1.30 -16.67 13.85
C TYR A 85 0.20 -16.76 14.03
N GLY A 86 0.68 -17.96 14.29
CA GLY A 86 2.11 -18.15 14.58
C GLY A 86 2.37 -17.83 16.04
N SER A 87 2.48 -16.55 16.38
CA SER A 87 2.46 -16.11 17.77
C SER A 87 2.77 -14.60 17.86
N LYS A 88 2.91 -14.09 19.08
CA LYS A 88 3.02 -12.66 19.31
C LYS A 88 4.27 -12.06 18.67
N GLU A 89 5.39 -12.78 18.72
CA GLU A 89 6.65 -12.26 18.19
C GLU A 89 6.52 -11.80 16.73
N ASP A 90 5.96 -12.66 15.89
CA ASP A 90 5.88 -12.43 14.45
C ASP A 90 4.45 -12.79 14.06
N PRO A 91 3.51 -11.85 14.21
CA PRO A 91 2.11 -12.18 13.94
C PRO A 91 1.88 -12.39 12.45
N GLN A 92 1.43 -13.59 12.08
CA GLN A 92 1.15 -13.93 10.69
C GLN A 92 -0.32 -13.64 10.42
N THR A 93 -0.58 -12.64 9.59
CA THR A 93 -1.93 -12.21 9.27
C THR A 93 -2.36 -12.60 7.86
N PHE A 94 -1.40 -12.79 6.99
CA PHE A 94 -1.70 -13.14 5.64
C PHE A 94 -1.03 -14.39 5.19
N TYR A 95 -1.48 -14.88 4.07
CA TYR A 95 -0.84 -15.97 3.36
C TYR A 95 -0.72 -15.58 1.91
N TYR A 96 0.29 -16.10 1.25
CA TYR A 96 0.49 -15.78 -0.13
C TYR A 96 0.17 -16.93 -1.05
N ALA A 97 -0.62 -16.65 -2.05
CA ALA A 97 -0.87 -17.63 -3.08
C ALA A 97 0.25 -17.54 -4.11
N VAL A 98 0.97 -18.66 -4.32
CA VAL A 98 2.12 -18.68 -5.20
C VAL A 98 1.96 -19.75 -6.25
N ALA A 99 2.76 -19.63 -7.31
CA ALA A 99 2.80 -20.63 -8.40
C ALA A 99 4.22 -21.17 -8.45
N VAL A 100 4.41 -22.39 -7.95
CA VAL A 100 5.72 -23.02 -7.88
C VAL A 100 5.98 -23.78 -9.16
N VAL A 101 7.23 -23.73 -9.60
CA VAL A 101 7.69 -24.41 -10.82
C VAL A 101 9.08 -24.94 -10.58
N LYS A 102 9.54 -25.77 -11.51
CA LYS A 102 10.89 -26.33 -11.44
C LYS A 102 11.88 -25.38 -12.11
N LYS A 103 13.07 -25.30 -11.56
CA LYS A 103 14.13 -24.50 -12.16
C LYS A 103 14.39 -24.95 -13.58
N ASP A 104 14.56 -23.97 -14.47
CA ASP A 104 14.91 -24.22 -15.88
C ASP A 104 13.80 -24.89 -16.68
N SER A 105 12.56 -24.83 -16.23
CA SER A 105 11.45 -25.37 -17.02
C SER A 105 11.08 -24.44 -18.18
N GLY A 106 11.54 -23.18 -18.14
CA GLY A 106 11.49 -22.31 -19.29
C GLY A 106 10.15 -21.77 -19.70
N PHE A 107 9.35 -21.28 -18.76
CA PHE A 107 8.12 -20.59 -19.08
C PHE A 107 7.72 -19.68 -17.94
N GLN A 108 6.80 -18.77 -18.22
CA GLN A 108 6.28 -17.84 -17.23
C GLN A 108 4.79 -17.71 -17.30
N MET A 109 4.24 -16.90 -16.39
CA MET A 109 2.79 -16.87 -16.20
C MET A 109 2.02 -16.69 -17.51
N ASN A 110 2.55 -15.85 -18.41
CA ASN A 110 1.90 -15.64 -19.68
C ASN A 110 2.21 -16.72 -20.68
N GLN A 111 2.74 -17.84 -20.23
CA GLN A 111 2.98 -19.01 -21.08
C GLN A 111 2.41 -20.30 -20.46
N LEU A 112 1.44 -20.18 -19.57
CA LEU A 112 0.93 -21.36 -18.90
C LEU A 112 0.07 -22.20 -19.79
N ARG A 113 -0.46 -21.63 -20.87
CA ARG A 113 -1.33 -22.43 -21.76
C ARG A 113 -0.60 -23.62 -22.32
N GLY A 114 -1.25 -24.77 -22.26
CA GLY A 114 -0.65 -26.02 -22.74
C GLY A 114 0.11 -26.81 -21.71
N LYS A 115 0.39 -26.21 -20.56
CA LYS A 115 1.22 -26.86 -19.53
C LYS A 115 0.40 -27.83 -18.71
N LYS A 116 1.07 -28.60 -17.86
CA LYS A 116 0.41 -29.49 -16.92
C LYS A 116 0.33 -28.82 -15.54
N SER A 117 -0.89 -28.69 -15.02
CA SER A 117 -1.14 -27.93 -13.79
C SER A 117 -1.51 -28.85 -12.64
N CYS A 118 -1.07 -28.44 -11.44
CA CYS A 118 -1.40 -29.15 -10.20
C CYS A 118 -2.16 -28.19 -9.29
N HIS A 119 -3.41 -28.50 -8.97
CA HIS A 119 -4.23 -27.71 -8.09
C HIS A 119 -4.49 -28.43 -6.77
N THR A 120 -4.63 -27.68 -5.72
CA THR A 120 -4.92 -28.24 -4.39
C THR A 120 -6.34 -28.82 -4.35
N GLY A 121 -7.24 -28.19 -5.07
CA GLY A 121 -8.62 -28.64 -5.12
C GLY A 121 -9.51 -27.60 -5.76
N LEU A 122 -10.45 -28.05 -6.60
CA LEU A 122 -11.38 -27.15 -7.23
C LEU A 122 -12.21 -26.38 -6.17
N GLY A 123 -12.32 -25.08 -6.35
CA GLY A 123 -13.04 -24.24 -5.47
C GLY A 123 -12.24 -23.72 -4.33
N ARG A 124 -11.00 -24.16 -4.21
CA ARG A 124 -10.09 -23.72 -3.19
C ARG A 124 -9.42 -22.47 -3.62
N SER A 125 -8.97 -21.67 -2.69
CA SER A 125 -8.41 -20.36 -3.00
C SER A 125 -7.02 -20.16 -3.59
N ALA A 126 -6.00 -20.69 -2.95
CA ALA A 126 -4.65 -20.53 -3.45
C ALA A 126 -4.57 -21.48 -4.58
N GLY A 127 -5.18 -22.64 -4.43
CA GLY A 127 -5.21 -23.65 -5.45
C GLY A 127 -6.09 -23.50 -6.67
N TRP A 128 -7.21 -22.83 -6.58
CA TRP A 128 -8.05 -22.72 -7.74
C TRP A 128 -8.56 -21.37 -8.08
N ASN A 129 -9.22 -20.75 -7.13
CA ASN A 129 -9.87 -19.48 -7.38
C ASN A 129 -9.01 -18.34 -7.77
N ILE A 130 -7.85 -18.25 -7.17
CA ILE A 130 -6.94 -17.18 -7.47
C ILE A 130 -6.28 -17.32 -8.83
N PRO A 131 -5.62 -18.43 -9.09
CA PRO A 131 -4.97 -18.71 -10.34
C PRO A 131 -5.90 -18.59 -11.49
N ILE A 132 -7.02 -19.24 -11.40
CA ILE A 132 -8.01 -19.24 -12.45
C ILE A 132 -8.61 -17.89 -12.69
N GLY A 133 -8.76 -17.10 -11.65
CA GLY A 133 -9.26 -15.75 -11.76
C GLY A 133 -8.27 -14.83 -12.41
N LEU A 134 -6.99 -14.98 -12.15
CA LEU A 134 -5.99 -14.17 -12.86
C LEU A 134 -5.88 -14.58 -14.30
N LEU A 135 -6.03 -15.86 -14.59
CA LEU A 135 -5.92 -16.37 -15.95
C LEU A 135 -7.24 -16.31 -16.72
N TYR A 136 -8.29 -15.78 -16.11
CA TYR A 136 -9.62 -15.88 -16.69
C TYR A 136 -9.67 -15.47 -18.15
N CYS A 137 -9.23 -14.26 -18.43
CA CYS A 137 -9.28 -13.74 -19.81
C CYS A 137 -8.31 -14.46 -20.76
N ASP A 138 -7.33 -15.16 -20.25
CA ASP A 138 -6.52 -16.04 -21.07
C ASP A 138 -7.24 -17.33 -21.42
N LEU A 139 -8.35 -17.63 -20.74
CA LEU A 139 -9.05 -18.89 -20.99
C LEU A 139 -9.78 -18.82 -22.31
N PRO A 140 -9.92 -19.96 -23.01
CA PRO A 140 -10.62 -19.96 -24.28
C PRO A 140 -12.10 -19.76 -24.13
N GLU A 141 -12.73 -19.25 -25.16
CA GLU A 141 -14.17 -19.04 -25.14
C GLU A 141 -14.90 -20.24 -25.76
N PRO A 142 -16.06 -20.61 -25.23
CA PRO A 142 -16.78 -19.90 -24.15
C PRO A 142 -16.17 -20.22 -22.79
N ARG A 143 -16.07 -19.22 -21.93
CA ARG A 143 -15.49 -19.39 -20.61
C ARG A 143 -16.46 -19.97 -19.58
N LYS A 144 -17.70 -20.27 -19.99
CA LYS A 144 -18.68 -20.97 -19.15
C LYS A 144 -19.07 -22.29 -19.84
N PRO A 145 -19.09 -23.41 -19.11
CA PRO A 145 -18.65 -23.57 -17.71
C PRO A 145 -17.15 -23.41 -17.56
N LEU A 146 -16.73 -22.92 -16.41
CA LEU A 146 -15.32 -22.59 -16.19
C LEU A 146 -14.42 -23.83 -16.22
N GLU A 147 -14.88 -24.95 -15.68
CA GLU A 147 -14.08 -26.19 -15.72
C GLU A 147 -13.75 -26.56 -17.17
N LYS A 148 -14.68 -26.37 -18.11
CA LYS A 148 -14.42 -26.70 -19.49
C LYS A 148 -13.39 -25.77 -20.08
N ALA A 149 -13.47 -24.48 -19.77
CA ALA A 149 -12.48 -23.52 -20.26
C ALA A 149 -11.10 -23.86 -19.71
N VAL A 150 -11.01 -24.18 -18.42
CA VAL A 150 -9.73 -24.52 -17.81
C VAL A 150 -9.20 -25.80 -18.46
N ALA A 151 -10.08 -26.77 -18.71
CA ALA A 151 -9.67 -28.04 -19.32
C ALA A 151 -9.20 -27.88 -20.75
N ASN A 152 -9.61 -26.81 -21.41
CA ASN A 152 -9.09 -26.47 -22.75
C ASN A 152 -8.01 -25.41 -22.72
N PHE A 153 -7.42 -25.16 -21.56
CA PHE A 153 -6.31 -24.22 -21.40
C PHE A 153 -5.04 -24.97 -21.01
N PHE A 154 -5.05 -25.64 -19.85
CA PHE A 154 -3.96 -26.56 -19.56
C PHE A 154 -4.19 -27.83 -20.35
N SER A 155 -3.11 -28.46 -20.79
CA SER A 155 -3.23 -29.69 -21.58
C SER A 155 -3.77 -30.82 -20.71
N GLY A 156 -3.26 -30.90 -19.49
CA GLY A 156 -3.77 -31.87 -18.51
C GLY A 156 -3.46 -31.39 -17.13
N SER A 157 -4.31 -31.74 -16.17
CA SER A 157 -4.19 -31.25 -14.82
C SER A 157 -4.55 -32.32 -13.81
N CYS A 158 -4.23 -32.03 -12.54
CA CYS A 158 -4.88 -32.66 -11.40
C CYS A 158 -5.66 -31.56 -10.70
N ALA A 159 -6.98 -31.55 -10.92
CA ALA A 159 -7.89 -30.64 -10.23
C ALA A 159 -8.82 -31.48 -9.35
N PRO A 160 -8.37 -31.83 -8.14
CA PRO A 160 -9.24 -32.57 -7.21
C PRO A 160 -10.66 -32.01 -7.13
N CYS A 161 -11.63 -32.93 -7.14
CA CYS A 161 -13.07 -32.63 -7.07
C CYS A 161 -13.60 -31.98 -8.37
N ALA A 162 -12.79 -31.96 -9.42
CA ALA A 162 -13.31 -31.56 -10.71
C ALA A 162 -14.07 -32.71 -11.36
N ASP A 163 -14.94 -32.37 -12.30
CA ASP A 163 -15.79 -33.34 -13.02
C ASP A 163 -14.96 -34.01 -14.10
N GLY A 164 -14.19 -35.01 -13.70
CA GLY A 164 -13.42 -35.79 -14.64
C GLY A 164 -14.22 -36.54 -15.69
N THR A 165 -15.49 -36.75 -15.45
CA THR A 165 -16.34 -37.47 -16.38
C THR A 165 -16.65 -36.62 -17.61
N ASP A 166 -16.98 -35.36 -17.41
CA ASP A 166 -17.23 -34.46 -18.53
C ASP A 166 -15.97 -33.78 -19.07
N PHE A 167 -14.92 -33.68 -18.26
CA PHE A 167 -13.69 -33.00 -18.64
C PHE A 167 -12.49 -33.80 -18.15
N PRO A 168 -12.19 -34.93 -18.80
CA PRO A 168 -11.15 -35.82 -18.26
C PRO A 168 -9.76 -35.21 -18.25
N GLN A 169 -9.50 -34.17 -19.04
CA GLN A 169 -8.20 -33.52 -18.99
C GLN A 169 -7.85 -33.07 -17.55
N LEU A 170 -8.86 -32.69 -16.76
CA LEU A 170 -8.61 -32.17 -15.42
C LEU A 170 -8.18 -33.23 -14.43
N CYS A 171 -8.28 -34.51 -14.80
CA CYS A 171 -7.84 -35.61 -13.93
C CYS A 171 -6.79 -36.48 -14.61
N GLN A 172 -6.15 -35.99 -15.67
CA GLN A 172 -5.10 -36.75 -16.34
C GLN A 172 -3.98 -37.12 -15.37
N LEU A 173 -3.63 -36.22 -14.47
CA LEU A 173 -2.50 -36.46 -13.56
C LEU A 173 -2.91 -37.09 -12.24
N CYS A 174 -4.22 -37.20 -11.99
CA CYS A 174 -4.74 -37.90 -10.80
C CYS A 174 -6.10 -38.44 -11.17
N PRO A 175 -6.14 -39.58 -11.89
CA PRO A 175 -7.40 -40.07 -12.43
C PRO A 175 -8.49 -40.23 -11.39
N GLY A 176 -9.71 -39.86 -11.77
CA GLY A 176 -10.83 -39.81 -10.85
C GLY A 176 -11.02 -38.49 -10.15
N CYS A 177 -9.99 -37.63 -10.14
CA CYS A 177 -10.07 -36.33 -9.48
C CYS A 177 -10.50 -36.47 -8.02
N GLY A 178 -9.97 -37.49 -7.37
CA GLY A 178 -10.35 -37.73 -5.99
C GLY A 178 -10.30 -36.56 -5.10
N CYS A 179 -11.38 -36.36 -4.37
CA CYS A 179 -11.60 -35.17 -3.53
C CYS A 179 -11.25 -35.44 -2.07
N SER A 180 -10.29 -36.33 -1.81
CA SER A 180 -9.93 -36.73 -0.46
C SER A 180 -8.44 -37.06 -0.41
N THR A 181 -7.91 -37.16 0.81
CA THR A 181 -6.51 -37.53 0.98
C THR A 181 -6.22 -38.94 0.48
N LEU A 182 -7.26 -39.72 0.19
CA LEU A 182 -7.06 -40.98 -0.54
C LEU A 182 -6.36 -40.71 -1.88
N ASN A 183 -6.53 -39.50 -2.40
CA ASN A 183 -5.80 -39.02 -3.57
C ASN A 183 -4.45 -38.48 -3.11
N GLN A 184 -3.39 -38.92 -3.77
CA GLN A 184 -2.04 -38.51 -3.40
C GLN A 184 -1.72 -37.04 -3.76
N TYR A 185 -2.40 -36.49 -4.75
CA TYR A 185 -2.17 -35.14 -5.22
C TYR A 185 -3.24 -34.16 -4.74
N PHE A 186 -3.83 -34.46 -3.58
CA PHE A 186 -4.91 -33.67 -3.00
C PHE A 186 -4.39 -32.82 -1.84
N GLY A 187 -4.84 -31.60 -1.72
CA GLY A 187 -4.42 -30.75 -0.63
C GLY A 187 -3.27 -29.88 -0.96
N TYR A 188 -2.83 -29.09 0.01
CA TYR A 188 -1.71 -28.22 -0.25
C TYR A 188 -0.48 -29.09 -0.46
N SER A 189 -0.27 -30.09 0.36
CA SER A 189 0.91 -30.90 0.22
C SER A 189 0.80 -31.81 -0.97
N GLY A 190 -0.40 -32.19 -1.30
CA GLY A 190 -0.63 -33.06 -2.49
C GLY A 190 -0.36 -32.35 -3.80
N ALA A 191 -0.75 -31.08 -3.91
CA ALA A 191 -0.53 -30.34 -5.13
C ALA A 191 0.96 -30.14 -5.39
N PHE A 192 1.71 -29.84 -4.33
CA PHE A 192 3.16 -29.68 -4.48
C PHE A 192 3.81 -31.01 -4.86
N LYS A 193 3.32 -32.11 -4.30
CA LYS A 193 3.84 -33.43 -4.68
C LYS A 193 3.65 -33.68 -6.17
N CYS A 194 2.48 -33.34 -6.69
CA CYS A 194 2.20 -33.44 -8.13
C CYS A 194 3.27 -32.73 -8.95
N LEU A 195 3.83 -31.66 -8.42
CA LEU A 195 4.97 -30.98 -9.07
C LEU A 195 6.28 -31.69 -8.79
N LYS A 196 6.53 -32.00 -7.52
CA LYS A 196 7.80 -32.62 -7.13
C LYS A 196 8.00 -33.95 -7.88
N ASP A 197 6.96 -34.75 -7.98
CA ASP A 197 7.06 -36.05 -8.65
C ASP A 197 7.18 -35.97 -10.16
N GLY A 198 7.02 -34.78 -10.73
CA GLY A 198 7.12 -34.58 -12.17
C GLY A 198 5.81 -34.75 -12.92
N ALA A 199 4.71 -34.93 -12.22
CA ALA A 199 3.41 -35.06 -12.90
C ALA A 199 3.06 -33.79 -13.64
N GLY A 200 3.29 -32.65 -13.00
CA GLY A 200 2.88 -31.37 -13.55
C GLY A 200 4.04 -30.39 -13.63
N ASP A 201 3.80 -29.31 -14.36
CA ASP A 201 4.77 -28.26 -14.57
C ASP A 201 4.66 -27.10 -13.58
N VAL A 202 3.50 -26.92 -12.97
CA VAL A 202 3.26 -25.85 -12.01
C VAL A 202 2.30 -26.34 -10.94
N ALA A 203 2.49 -25.86 -9.72
CA ALA A 203 1.63 -26.19 -8.59
C ALA A 203 1.15 -24.90 -7.95
N PHE A 204 -0.16 -24.73 -7.91
CA PHE A 204 -0.76 -23.54 -7.33
C PHE A 204 -1.03 -23.82 -5.84
N VAL A 205 -0.15 -23.32 -4.99
CA VAL A 205 -0.22 -23.53 -3.57
C VAL A 205 -0.02 -22.25 -2.77
N LYS A 206 0.51 -22.37 -1.56
CA LYS A 206 0.75 -21.26 -0.67
C LYS A 206 2.21 -21.13 -0.36
N HIS A 207 2.65 -19.92 -0.14
CA HIS A 207 4.03 -19.61 0.15
C HIS A 207 4.72 -20.52 1.16
N SER A 208 3.95 -21.23 1.96
CA SER A 208 4.50 -22.08 3.00
C SER A 208 4.55 -23.56 2.64
N THR A 209 3.75 -23.98 1.66
CA THR A 209 3.66 -25.39 1.31
C THR A 209 5.02 -26.01 1.04
N ILE A 210 5.88 -25.29 0.33
CA ILE A 210 7.16 -25.84 -0.07
C ILE A 210 8.11 -26.03 1.12
N PHE A 211 8.08 -25.08 2.04
CA PHE A 211 8.94 -25.17 3.22
C PHE A 211 8.51 -26.27 4.18
N GLU A 212 7.24 -26.67 4.11
CA GLU A 212 6.71 -27.75 4.97
C GLU A 212 6.90 -29.11 4.38
N ASN A 213 7.34 -29.22 3.12
CA ASN A 213 7.53 -30.52 2.47
C ASN A 213 8.96 -30.73 1.97
N LEU A 214 9.84 -29.75 2.14
CA LEU A 214 11.26 -29.91 1.81
C LEU A 214 12.06 -29.16 2.86
N ALA A 215 12.76 -29.91 3.71
CA ALA A 215 13.45 -29.33 4.85
C ALA A 215 14.81 -28.71 4.49
N ASN A 216 15.42 -29.14 3.38
CA ASN A 216 16.75 -28.67 3.00
C ASN A 216 16.68 -27.60 1.93
N LYS A 217 17.51 -26.58 2.07
CA LYS A 217 17.57 -25.49 1.08
C LYS A 217 18.08 -26.01 -0.26
N ALA A 218 18.94 -27.02 -0.25
CA ALA A 218 19.47 -27.56 -1.49
C ALA A 218 18.35 -28.15 -2.36
N ASP A 219 17.38 -28.80 -1.71
CA ASP A 219 16.21 -29.30 -2.43
C ASP A 219 15.35 -28.14 -2.94
N ARG A 220 15.20 -27.08 -2.15
CA ARG A 220 14.33 -25.96 -2.51
C ARG A 220 14.91 -25.14 -3.65
N ASP A 221 16.23 -25.09 -3.76
CA ASP A 221 16.86 -24.33 -4.83
C ASP A 221 16.55 -24.87 -6.22
N GLN A 222 15.98 -26.08 -6.29
CA GLN A 222 15.54 -26.63 -7.56
C GLN A 222 14.16 -26.16 -7.98
N TYR A 223 13.54 -25.27 -7.20
CA TYR A 223 12.21 -24.75 -7.48
C TYR A 223 12.25 -23.23 -7.58
N GLU A 224 11.29 -22.69 -8.32
CA GLU A 224 11.14 -21.25 -8.49
C GLU A 224 9.66 -20.89 -8.41
N LEU A 225 9.41 -19.58 -8.37
CA LEU A 225 8.08 -19.02 -8.38
C LEU A 225 7.84 -18.21 -9.65
N LEU A 226 6.61 -18.24 -10.14
CA LEU A 226 6.18 -17.44 -11.27
C LEU A 226 5.60 -16.12 -10.76
N CYS A 227 6.21 -15.02 -11.17
CA CYS A 227 5.68 -13.69 -10.85
C CYS A 227 4.83 -13.17 -11.98
N LEU A 228 3.94 -12.26 -11.64
CA LEU A 228 2.98 -11.69 -12.61
C LEU A 228 3.60 -10.71 -13.57
N ASP A 229 4.82 -10.26 -13.31
CA ASP A 229 5.58 -9.50 -14.30
C ASP A 229 6.25 -10.41 -15.32
N ASN A 230 5.94 -11.71 -15.30
CA ASN A 230 6.47 -12.66 -16.25
C ASN A 230 8.00 -12.83 -16.07
N THR A 231 8.43 -12.86 -14.80
CA THR A 231 9.76 -13.30 -14.41
C THR A 231 9.63 -14.32 -13.30
N ARG A 232 10.76 -14.84 -12.83
CA ARG A 232 10.78 -15.84 -11.78
C ARG A 232 11.68 -15.38 -10.65
N LYS A 233 11.43 -15.93 -9.47
CA LYS A 233 12.24 -15.64 -8.30
C LYS A 233 12.34 -16.91 -7.44
N PRO A 234 13.32 -16.97 -6.54
CA PRO A 234 13.41 -18.13 -5.66
C PRO A 234 12.19 -18.26 -4.75
N VAL A 235 12.04 -19.40 -4.13
CA VAL A 235 10.83 -19.70 -3.38
C VAL A 235 10.79 -18.98 -2.05
N ASP A 236 11.95 -18.55 -1.55
CA ASP A 236 11.99 -17.75 -0.30
C ASP A 236 11.80 -16.25 -0.55
N GLU A 237 11.39 -15.86 -1.77
CA GLU A 237 11.11 -14.49 -2.11
C GLU A 237 9.64 -14.33 -2.53
N TYR A 238 8.78 -15.16 -1.96
CA TYR A 238 7.36 -15.09 -2.26
C TYR A 238 6.75 -13.70 -2.04
N LYS A 239 7.31 -12.94 -1.09
CA LYS A 239 6.76 -11.63 -0.78
C LYS A 239 6.84 -10.69 -1.97
N ASP A 240 7.73 -10.96 -2.92
CA ASP A 240 7.85 -10.16 -4.15
C ASP A 240 7.50 -10.95 -5.38
N CYS A 241 6.88 -12.14 -5.23
CA CYS A 241 6.57 -13.01 -6.38
C CYS A 241 5.44 -13.97 -6.03
N HIS A 242 4.22 -13.43 -6.00
CA HIS A 242 3.05 -14.21 -5.68
C HIS A 242 1.89 -13.81 -6.56
N LEU A 243 0.82 -14.59 -6.51
CA LEU A 243 -0.38 -14.26 -7.27
C LEU A 243 -1.37 -13.46 -6.47
N ALA A 244 -1.35 -13.57 -5.15
CA ALA A 244 -2.24 -12.78 -4.31
C ALA A 244 -1.80 -12.86 -2.87
N GLN A 245 -1.99 -11.75 -2.15
CA GLN A 245 -1.79 -11.73 -0.70
C GLN A 245 -3.15 -11.75 -0.07
N VAL A 246 -3.41 -12.79 0.71
CA VAL A 246 -4.76 -13.10 1.18
C VAL A 246 -4.77 -12.97 2.70
N PRO A 247 -5.77 -12.34 3.26
CA PRO A 247 -5.84 -12.21 4.70
C PRO A 247 -6.60 -13.36 5.23
N SER A 248 -6.09 -14.02 6.24
CA SER A 248 -6.76 -15.19 6.77
C SER A 248 -8.12 -15.07 7.46
N HIS A 249 -8.33 -14.16 8.37
CA HIS A 249 -9.59 -14.07 9.05
C HIS A 249 -9.73 -12.69 9.58
N THR A 250 -10.79 -12.02 9.19
CA THR A 250 -10.92 -10.58 9.35
C THR A 250 -12.27 -10.18 9.89
N VAL A 251 -12.28 -9.39 10.95
CA VAL A 251 -13.51 -8.80 11.49
C VAL A 251 -13.85 -7.56 10.66
N VAL A 252 -15.12 -7.46 10.25
CA VAL A 252 -15.57 -6.35 9.42
C VAL A 252 -16.66 -5.58 10.14
N ALA A 253 -16.83 -4.34 9.73
CA ALA A 253 -17.75 -3.41 10.34
C ALA A 253 -18.19 -2.39 9.33
N ARG A 254 -19.23 -1.63 9.68
CA ARG A 254 -19.72 -0.55 8.83
C ARG A 254 -18.61 0.46 8.54
N SER A 255 -18.59 0.96 7.31
CA SER A 255 -17.61 1.98 6.94
C SER A 255 -17.90 3.29 7.65
N MET A 256 -19.16 3.72 7.63
CA MET A 256 -19.62 4.87 8.43
C MET A 256 -20.59 4.33 9.49
N GLY A 257 -20.41 4.77 10.72
CA GLY A 257 -21.23 4.22 11.81
C GLY A 257 -20.58 3.13 12.61
N GLY A 258 -19.46 2.59 12.14
CA GLY A 258 -18.57 1.84 13.02
C GLY A 258 -19.12 0.48 13.43
N LYS A 259 -18.90 0.07 14.67
CA LYS A 259 -18.29 0.87 15.75
C LYS A 259 -16.84 0.43 15.99
N GLU A 260 -15.98 0.72 15.01
CA GLU A 260 -14.60 0.19 14.97
C GLU A 260 -13.91 0.27 16.33
N ASP A 261 -13.99 1.42 16.97
CA ASP A 261 -13.24 1.65 18.21
C ASP A 261 -13.72 0.72 19.33
N LEU A 262 -15.03 0.52 19.48
CA LEU A 262 -15.52 -0.39 20.50
C LEU A 262 -15.19 -1.84 20.16
N ILE A 263 -15.34 -2.21 18.91
CA ILE A 263 -15.03 -3.57 18.49
C ILE A 263 -13.61 -3.94 18.89
N TRP A 264 -12.67 -3.02 18.68
CA TRP A 264 -11.29 -3.29 19.07
C TRP A 264 -11.12 -3.35 20.60
N GLU A 265 -11.66 -2.36 21.30
CA GLU A 265 -11.60 -2.37 22.75
C GLU A 265 -12.14 -3.69 23.33
N LEU A 266 -13.27 -4.13 22.81
CA LEU A 266 -13.86 -5.40 23.23
C LEU A 266 -12.91 -6.56 22.97
N LEU A 267 -12.44 -6.69 21.73
CA LEU A 267 -11.62 -7.85 21.38
C LEU A 267 -10.24 -7.79 22.01
N ASN A 268 -9.70 -6.58 22.13
CA ASN A 268 -8.39 -6.42 22.73
C ASN A 268 -8.40 -6.86 24.19
N GLN A 269 -9.41 -6.42 24.93
CA GLN A 269 -9.57 -6.86 26.31
C GLN A 269 -10.01 -8.30 26.39
N ALA A 270 -10.69 -8.80 25.35
CA ALA A 270 -11.10 -10.21 25.32
C ALA A 270 -9.88 -11.12 25.22
N GLN A 271 -8.91 -10.76 24.38
CA GLN A 271 -7.70 -11.59 24.27
C GLN A 271 -6.80 -11.48 25.46
N GLU A 272 -6.81 -10.34 26.13
CA GLU A 272 -5.94 -10.13 27.30
C GLU A 272 -6.39 -11.00 28.47
N HIS A 273 -7.68 -11.28 28.57
CA HIS A 273 -8.22 -12.10 29.66
C HIS A 273 -8.54 -13.53 29.28
N PHE A 274 -8.86 -13.79 28.01
CA PHE A 274 -9.32 -15.11 27.59
C PHE A 274 -8.61 -15.61 26.34
N GLY A 275 -7.48 -15.00 25.99
CA GLY A 275 -6.76 -15.38 24.79
C GLY A 275 -5.97 -16.65 24.92
N LYS A 276 -4.99 -16.82 24.02
CA LYS A 276 -4.18 -18.04 24.01
C LYS A 276 -3.40 -18.17 25.32
N ASP A 277 -3.42 -19.36 25.91
CA ASP A 277 -2.68 -19.62 27.16
C ASP A 277 -3.03 -18.63 28.27
N LYS A 278 -4.32 -18.43 28.49
CA LYS A 278 -4.80 -17.67 29.65
C LYS A 278 -5.49 -18.52 30.69
N SER A 279 -5.91 -19.72 30.31
CA SER A 279 -6.25 -20.80 31.26
C SER A 279 -7.53 -20.57 32.04
N LYS A 280 -8.48 -19.82 31.47
CA LYS A 280 -9.72 -19.60 32.18
C LYS A 280 -10.75 -20.67 31.80
N GLU A 281 -11.85 -20.67 32.52
CA GLU A 281 -13.00 -21.51 32.17
C GLU A 281 -13.43 -21.23 30.73
N PHE A 282 -13.42 -19.97 30.32
CA PHE A 282 -13.78 -19.56 28.98
C PHE A 282 -12.52 -19.31 28.15
N GLN A 283 -12.53 -19.80 26.92
CA GLN A 283 -11.41 -19.65 25.99
C GLN A 283 -11.94 -19.03 24.71
N LEU A 284 -11.33 -17.94 24.30
CA LEU A 284 -11.80 -17.19 23.13
C LEU A 284 -11.56 -17.97 21.85
N PHE A 285 -10.50 -18.79 21.80
CA PHE A 285 -10.11 -19.49 20.57
C PHE A 285 -10.26 -21.00 20.73
N SER A 286 -11.38 -21.41 21.31
CA SER A 286 -11.84 -22.80 21.22
C SER A 286 -13.25 -22.87 21.77
N SER A 287 -13.87 -24.03 21.61
CA SER A 287 -15.13 -24.25 22.34
C SER A 287 -15.46 -25.72 22.34
N PRO A 288 -16.01 -26.23 23.45
CA PRO A 288 -16.53 -27.62 23.39
C PRO A 288 -17.69 -27.79 22.39
N HIS A 289 -18.37 -26.71 22.05
CA HIS A 289 -19.50 -26.76 21.14
C HIS A 289 -19.15 -26.99 19.67
N GLY A 290 -17.87 -27.04 19.35
CA GLY A 290 -17.46 -27.20 17.96
C GLY A 290 -16.17 -26.44 17.67
N LYS A 291 -15.69 -26.56 16.43
CA LYS A 291 -14.41 -25.93 16.08
C LYS A 291 -14.61 -24.68 15.22
N ASP A 292 -13.78 -23.66 15.48
CA ASP A 292 -13.73 -22.46 14.65
C ASP A 292 -15.03 -21.63 14.73
N LEU A 293 -15.47 -21.38 15.97
CA LEU A 293 -16.68 -20.63 16.21
C LEU A 293 -16.32 -19.19 16.52
N LEU A 294 -16.83 -18.27 15.69
CA LEU A 294 -16.55 -16.83 15.79
C LEU A 294 -15.17 -16.51 15.30
N PHE A 295 -14.19 -17.24 15.81
CA PHE A 295 -12.80 -17.06 15.44
C PHE A 295 -12.15 -18.40 15.21
N LYS A 296 -11.13 -18.44 14.40
CA LYS A 296 -10.41 -19.67 14.17
C LYS A 296 -9.71 -20.16 15.39
N ASP A 297 -9.74 -21.45 15.61
CA ASP A 297 -9.18 -22.03 16.82
C ASP A 297 -7.69 -21.93 16.90
N SER A 298 -7.07 -21.82 15.74
CA SER A 298 -5.63 -21.71 15.63
C SER A 298 -5.11 -20.29 15.84
N ALA A 299 -5.99 -19.30 16.00
CA ALA A 299 -5.57 -17.93 16.18
C ALA A 299 -4.83 -17.74 17.48
N HIS A 300 -3.92 -16.76 17.49
CA HIS A 300 -3.14 -16.42 18.66
C HIS A 300 -3.48 -15.05 19.24
N GLY A 301 -4.20 -14.23 18.50
CA GLY A 301 -4.58 -12.94 19.01
C GLY A 301 -5.17 -12.07 17.90
N PHE A 302 -5.37 -10.80 18.24
CA PHE A 302 -5.97 -9.85 17.31
C PHE A 302 -5.02 -8.69 17.12
N LEU A 303 -4.94 -8.20 15.89
CA LEU A 303 -4.25 -6.96 15.58
C LEU A 303 -5.26 -5.97 15.04
N LYS A 304 -5.04 -4.70 15.36
CA LYS A 304 -5.93 -3.64 14.90
C LYS A 304 -5.55 -3.24 13.47
N VAL A 305 -6.52 -3.27 12.59
CA VAL A 305 -6.31 -2.88 11.19
C VAL A 305 -6.15 -1.36 11.12
N PRO A 306 -5.08 -0.86 10.48
CA PRO A 306 -4.91 0.58 10.41
C PRO A 306 -6.13 1.25 9.79
N PRO A 307 -6.52 2.43 10.31
CA PRO A 307 -7.78 3.00 9.93
C PRO A 307 -7.89 3.55 8.53
N ARG A 308 -6.78 3.80 7.87
CA ARG A 308 -6.84 4.18 6.43
C ARG A 308 -7.28 3.03 5.53
N MET A 309 -7.14 1.80 6.03
CA MET A 309 -7.35 0.62 5.20
C MET A 309 -8.82 0.48 4.82
N ASP A 310 -9.07 0.40 3.53
CA ASP A 310 -10.37 -0.08 3.03
C ASP A 310 -10.22 -1.51 2.53
N ALA A 311 -11.34 -2.09 2.09
CA ALA A 311 -11.32 -3.52 1.69
C ALA A 311 -10.41 -3.79 0.51
N LYS A 312 -10.57 -3.02 -0.56
CA LYS A 312 -9.74 -3.21 -1.77
C LYS A 312 -8.26 -3.11 -1.44
N MET A 313 -7.90 -2.23 -0.53
CA MET A 313 -6.49 -2.11 -0.12
C MET A 313 -6.04 -3.27 0.74
N TYR A 314 -6.93 -3.75 1.60
CA TYR A 314 -6.59 -4.84 2.52
C TYR A 314 -6.43 -6.15 1.75
N LEU A 315 -7.31 -6.40 0.79
CA LEU A 315 -7.21 -7.61 -0.03
C LEU A 315 -6.05 -7.51 -1.03
N GLY A 316 -5.90 -6.34 -1.65
CA GLY A 316 -4.86 -6.15 -2.62
C GLY A 316 -5.34 -6.19 -4.07
N TYR A 317 -4.62 -5.50 -4.95
CA TYR A 317 -5.00 -5.38 -6.33
C TYR A 317 -5.16 -6.74 -6.98
N GLU A 318 -4.18 -7.64 -6.76
CA GLU A 318 -4.18 -8.94 -7.43
C GLU A 318 -5.41 -9.80 -7.05
N TYR A 319 -5.63 -9.98 -5.75
CA TYR A 319 -6.76 -10.75 -5.27
C TYR A 319 -8.05 -10.16 -5.81
N VAL A 320 -8.21 -8.84 -5.72
CA VAL A 320 -9.46 -8.22 -6.17
C VAL A 320 -9.65 -8.43 -7.66
N THR A 321 -8.56 -8.36 -8.42
CA THR A 321 -8.64 -8.61 -9.85
C THR A 321 -9.14 -10.03 -10.10
N ALA A 322 -8.55 -10.99 -9.44
CA ALA A 322 -8.89 -12.36 -9.58
C ALA A 322 -10.31 -12.70 -9.30
N ILE A 323 -10.76 -12.34 -8.13
CA ILE A 323 -12.13 -12.63 -7.71
C ILE A 323 -13.15 -11.85 -8.54
N ARG A 324 -12.85 -10.59 -8.81
CA ARG A 324 -13.74 -9.77 -9.62
C ARG A 324 -13.97 -10.47 -10.99
N ASN A 325 -12.90 -10.97 -11.62
CA ASN A 325 -13.04 -11.69 -12.88
C ASN A 325 -13.96 -12.91 -12.75
N LEU A 326 -13.74 -13.74 -11.78
CA LEU A 326 -14.59 -14.88 -11.58
C LEU A 326 -16.05 -14.55 -11.36
N ARG A 327 -16.37 -13.40 -10.82
CA ARG A 327 -17.76 -13.05 -10.51
C ARG A 327 -18.43 -12.30 -11.65
N GLU A 328 -17.75 -11.32 -12.22
CA GLU A 328 -18.32 -10.55 -13.32
C GLU A 328 -18.17 -11.25 -14.66
N GLY A 329 -17.01 -11.85 -14.88
CA GLY A 329 -16.73 -12.52 -16.15
C GLY A 329 -16.63 -11.57 -17.33
N THR A 330 -15.97 -10.43 -17.12
CA THR A 330 -15.86 -9.38 -18.14
C THR A 330 -14.42 -9.34 -18.64
N CYS A 331 -14.25 -9.55 -19.94
CA CYS A 331 -12.92 -9.50 -20.56
C CYS A 331 -12.88 -8.45 -21.67
N PRO A 332 -11.71 -7.86 -21.92
CA PRO A 332 -11.64 -6.65 -22.78
C PRO A 332 -11.93 -6.90 -24.25
N CYS A 339 -4.49 -0.93 -25.30
CA CYS A 339 -3.68 -0.27 -24.27
C CYS A 339 -4.54 0.61 -23.37
N LYS A 340 -5.63 1.17 -23.89
CA LYS A 340 -6.68 1.74 -23.07
C LYS A 340 -6.17 3.06 -22.44
N PRO A 341 -7.05 4.02 -22.12
CA PRO A 341 -6.54 5.33 -21.71
C PRO A 341 -5.93 5.37 -20.31
N VAL A 342 -4.92 6.21 -20.17
CA VAL A 342 -4.33 6.49 -18.86
C VAL A 342 -5.27 7.37 -18.05
N LYS A 343 -5.57 6.93 -16.83
CA LYS A 343 -6.38 7.72 -15.91
C LYS A 343 -5.45 8.43 -14.93
N TRP A 344 -5.34 9.75 -15.10
CA TRP A 344 -4.44 10.57 -14.30
C TRP A 344 -5.14 11.09 -13.05
N CYS A 345 -4.36 11.22 -11.98
CA CYS A 345 -4.89 11.63 -10.67
C CYS A 345 -4.58 13.09 -10.42
N ALA A 346 -5.63 13.88 -10.22
CA ALA A 346 -5.52 15.31 -9.94
C ALA A 346 -5.89 15.58 -8.49
N LEU A 347 -5.18 16.50 -7.86
CA LEU A 347 -5.24 16.68 -6.41
C LEU A 347 -6.09 17.87 -5.97
N SER A 348 -6.52 18.72 -6.90
CA SER A 348 -7.15 19.97 -6.53
C SER A 348 -8.02 20.47 -7.67
N HIS A 349 -8.69 21.59 -7.45
CA HIS A 349 -9.49 22.20 -8.52
C HIS A 349 -8.60 22.60 -9.69
N HIS A 350 -7.58 23.41 -9.43
CA HIS A 350 -6.77 23.96 -10.51
C HIS A 350 -6.07 22.83 -11.29
N GLU A 351 -5.56 21.84 -10.57
CA GLU A 351 -4.95 20.68 -11.24
C GLU A 351 -5.96 19.95 -12.11
N ARG A 352 -7.21 19.87 -11.64
CA ARG A 352 -8.23 19.13 -12.38
C ARG A 352 -8.49 19.75 -13.75
N LEU A 353 -8.73 21.06 -13.79
CA LEU A 353 -9.05 21.73 -15.06
C LEU A 353 -7.89 21.58 -16.05
N LYS A 354 -6.66 21.70 -15.55
CA LYS A 354 -5.50 21.46 -16.41
C LYS A 354 -5.55 20.03 -16.98
N CYS A 355 -5.91 19.07 -16.14
CA CYS A 355 -6.07 17.70 -16.62
C CYS A 355 -7.20 17.59 -17.62
N ASP A 356 -8.30 18.29 -17.36
CA ASP A 356 -9.51 18.13 -18.17
C ASP A 356 -9.26 18.43 -19.65
N GLU A 357 -8.59 19.54 -19.93
CA GLU A 357 -8.29 19.89 -21.30
C GLU A 357 -7.03 19.19 -21.83
N TRP A 358 -6.21 18.64 -20.94
CA TRP A 358 -5.23 17.64 -21.38
C TRP A 358 -5.94 16.40 -21.92
N SER A 359 -7.09 16.07 -21.33
CA SER A 359 -7.89 14.93 -21.79
C SER A 359 -8.53 15.22 -23.15
N VAL A 360 -9.06 16.43 -23.32
CA VAL A 360 -9.66 16.83 -24.59
C VAL A 360 -8.61 16.93 -25.68
N ASN A 361 -7.51 17.62 -25.39
CA ASN A 361 -6.41 17.73 -26.35
C ASN A 361 -5.85 16.35 -26.74
N SER A 362 -5.95 15.38 -25.82
CA SER A 362 -5.41 14.05 -26.06
C SER A 362 -6.27 13.18 -26.96
N VAL A 363 -7.50 13.61 -27.24
CA VAL A 363 -8.44 12.79 -28.03
C VAL A 363 -8.62 11.43 -27.36
N GLY A 364 -8.84 11.44 -26.05
CA GLY A 364 -9.17 10.21 -25.34
C GLY A 364 -8.01 9.49 -24.69
N LYS A 365 -6.80 9.66 -25.23
CA LYS A 365 -5.65 8.91 -24.72
C LYS A 365 -5.36 9.14 -23.22
N ILE A 366 -6.01 10.14 -22.61
CA ILE A 366 -5.80 10.43 -21.18
C ILE A 366 -7.10 10.93 -20.55
N GLU A 367 -7.55 10.22 -19.52
CA GLU A 367 -8.71 10.62 -18.73
C GLU A 367 -8.24 11.15 -17.39
N CYS A 368 -9.19 11.70 -16.63
CA CYS A 368 -8.87 12.41 -15.39
C CYS A 368 -9.69 11.89 -14.22
N VAL A 369 -9.00 11.59 -13.12
CA VAL A 369 -9.63 11.25 -11.85
C VAL A 369 -9.12 12.27 -10.82
N SER A 370 -9.99 12.62 -9.88
CA SER A 370 -9.63 13.60 -8.85
C SER A 370 -9.82 13.03 -7.46
N ALA A 371 -8.83 13.29 -6.59
CA ALA A 371 -8.95 13.01 -5.16
C ALA A 371 -8.45 14.21 -4.38
N GLU A 372 -8.62 14.17 -3.07
CA GLU A 372 -8.40 15.38 -2.23
C GLU A 372 -7.00 15.44 -1.64
N THR A 373 -6.31 14.32 -1.54
CA THR A 373 -4.94 14.28 -1.03
C THR A 373 -4.07 13.45 -1.95
N THR A 374 -2.76 13.65 -1.87
CA THR A 374 -1.81 12.80 -2.59
C THR A 374 -2.01 11.35 -2.17
N GLU A 375 -2.12 11.09 -0.88
CA GLU A 375 -2.26 9.73 -0.39
C GLU A 375 -3.57 9.09 -0.84
N ASP A 376 -4.63 9.88 -0.97
CA ASP A 376 -5.85 9.37 -1.55
C ASP A 376 -5.67 9.05 -3.02
N CYS A 377 -4.84 9.83 -3.70
CA CYS A 377 -4.52 9.54 -5.11
C CYS A 377 -3.71 8.25 -5.26
N ILE A 378 -2.69 8.08 -4.43
CA ILE A 378 -1.90 6.87 -4.45
C ILE A 378 -2.79 5.64 -4.19
N ALA A 379 -3.76 5.77 -3.29
CA ALA A 379 -4.66 4.67 -3.01
C ALA A 379 -5.48 4.30 -4.22
N LYS A 380 -5.88 5.29 -5.00
CA LYS A 380 -6.61 5.03 -6.25
C LYS A 380 -5.72 4.35 -7.29
N ILE A 381 -4.46 4.76 -7.35
CA ILE A 381 -3.50 4.11 -8.27
C ILE A 381 -3.34 2.64 -7.85
N MET A 382 -3.21 2.39 -6.55
CA MET A 382 -3.02 1.04 -6.06
C MET A 382 -4.14 0.12 -6.48
N ASN A 383 -5.38 0.57 -6.29
CA ASN A 383 -6.56 -0.29 -6.45
C ASN A 383 -7.22 -0.22 -7.82
N GLY A 384 -6.71 0.60 -8.71
CA GLY A 384 -7.19 0.63 -10.09
C GLY A 384 -8.03 1.82 -10.47
N GLU A 385 -8.55 2.57 -9.51
CA GLU A 385 -9.40 3.73 -9.83
C GLU A 385 -8.67 4.76 -10.68
N ALA A 386 -7.35 4.86 -10.50
CA ALA A 386 -6.50 5.74 -11.29
C ALA A 386 -5.24 5.00 -11.67
N ASP A 387 -4.43 5.62 -12.51
CA ASP A 387 -3.30 4.93 -13.13
C ASP A 387 -1.95 5.57 -12.85
N ALA A 388 -1.82 6.87 -13.03
CA ALA A 388 -0.53 7.53 -12.86
C ALA A 388 -0.68 8.91 -12.24
N MET A 389 0.45 9.40 -11.74
CA MET A 389 0.56 10.72 -11.14
C MET A 389 2.04 10.98 -10.87
N SER A 390 2.41 12.27 -10.82
CA SER A 390 3.81 12.65 -10.56
C SER A 390 3.99 12.98 -9.09
N LEU A 391 5.10 12.56 -8.52
CA LEU A 391 5.31 12.60 -7.08
C LEU A 391 6.73 13.02 -6.73
N ASP A 392 6.85 13.78 -5.65
CA ASP A 392 8.15 14.02 -5.03
C ASP A 392 8.75 12.70 -4.58
N GLY A 393 10.07 12.67 -4.51
CA GLY A 393 10.77 11.45 -4.08
C GLY A 393 10.26 10.89 -2.77
N GLY A 394 9.86 11.77 -1.86
CA GLY A 394 9.31 11.32 -0.59
C GLY A 394 7.98 10.61 -0.71
N PHE A 395 7.25 10.88 -1.78
CA PHE A 395 6.00 10.18 -2.05
C PHE A 395 6.14 8.93 -2.91
N VAL A 396 7.20 8.81 -3.69
CA VAL A 396 7.46 7.58 -4.45
C VAL A 396 7.91 6.49 -3.49
N TYR A 397 8.66 6.86 -2.46
CA TYR A 397 9.00 5.92 -1.39
C TYR A 397 7.73 5.34 -0.78
N ILE A 398 6.80 6.20 -0.41
CA ILE A 398 5.51 5.74 0.08
C ILE A 398 4.80 4.91 -0.99
N ALA A 399 4.80 5.41 -2.22
CA ALA A 399 4.17 4.69 -3.32
C ALA A 399 4.86 3.35 -3.59
N GLY A 400 6.15 3.26 -3.28
CA GLY A 400 6.89 2.02 -3.46
C GLY A 400 6.52 1.00 -2.41
N LYS A 401 6.63 1.37 -1.14
CA LYS A 401 6.18 0.52 -0.05
C LYS A 401 4.74 0.04 -0.27
N CYS A 402 3.96 0.78 -1.04
CA CYS A 402 2.58 0.40 -1.34
C CYS A 402 2.44 -0.44 -2.61
N GLY A 403 3.55 -0.72 -3.30
CA GLY A 403 3.53 -1.62 -4.44
C GLY A 403 3.66 -0.97 -5.79
N LEU A 404 3.67 0.34 -5.85
CA LEU A 404 3.79 1.05 -7.12
C LEU A 404 5.25 1.22 -7.50
N VAL A 405 5.50 1.53 -8.76
CA VAL A 405 6.85 1.70 -9.25
C VAL A 405 6.96 3.02 -10.04
N PRO A 406 8.17 3.61 -10.13
CA PRO A 406 8.33 4.77 -10.99
C PRO A 406 8.54 4.39 -12.46
N VAL A 407 7.87 5.12 -13.35
CA VAL A 407 7.94 4.85 -14.79
C VAL A 407 8.75 5.91 -15.52
N LEU A 408 8.72 7.14 -15.03
CA LEU A 408 9.40 8.25 -15.69
C LEU A 408 9.77 9.30 -14.64
N ALA A 409 10.90 9.97 -14.88
CA ALA A 409 11.35 11.07 -14.03
C ALA A 409 11.14 12.41 -14.73
N GLU A 410 11.11 13.47 -13.95
CA GLU A 410 11.06 14.83 -14.45
C GLU A 410 12.53 15.35 -14.60
N ASN A 411 13.04 15.71 -15.80
CA ASN A 411 14.39 16.35 -15.99
C ASN A 411 14.09 17.85 -16.07
N TYR A 412 14.83 18.71 -15.33
CA TYR A 412 14.81 20.19 -15.49
C TYR A 412 16.09 20.74 -16.26
N ASN A 413 17.28 20.09 -16.26
CA ASN A 413 18.54 20.64 -16.87
C ASN A 413 18.36 21.06 -18.33
N ALA A 424 20.79 12.01 -12.08
CA ALA A 424 21.20 13.28 -11.51
C ALA A 424 20.05 14.25 -11.55
N GLY A 425 19.64 14.74 -10.36
CA GLY A 425 18.49 15.60 -10.23
C GLY A 425 18.82 16.89 -9.51
N TYR A 426 17.83 17.45 -8.83
CA TYR A 426 17.96 18.77 -8.23
C TYR A 426 18.68 18.68 -6.88
N PHE A 427 19.08 19.84 -6.38
CA PHE A 427 19.91 19.97 -5.19
C PHE A 427 19.08 20.37 -3.98
N ALA A 428 19.44 19.84 -2.82
CA ALA A 428 18.79 20.18 -1.55
C ALA A 428 19.71 21.10 -0.80
N ILE A 429 19.28 22.35 -0.61
CA ILE A 429 20.09 23.42 -0.01
C ILE A 429 19.40 23.92 1.24
N ALA A 430 20.21 24.38 2.19
CA ALA A 430 19.70 25.03 3.41
C ALA A 430 19.99 26.53 3.32
N VAL A 431 18.94 27.34 3.32
CA VAL A 431 19.05 28.76 3.04
C VAL A 431 18.98 29.56 4.34
N VAL A 432 19.81 30.60 4.42
CA VAL A 432 19.93 31.43 5.61
C VAL A 432 19.97 32.90 5.19
N LYS A 433 19.55 33.77 6.10
CA LYS A 433 19.72 35.21 5.94
C LYS A 433 21.20 35.57 6.22
N LYS A 434 21.79 36.33 5.29
CA LYS A 434 23.22 36.64 5.40
C LYS A 434 23.56 37.47 6.64
N SER A 435 22.65 38.35 7.04
CA SER A 435 22.89 39.16 8.24
C SER A 435 23.28 38.29 9.44
N ALA A 436 22.40 37.37 9.81
CA ALA A 436 22.69 36.43 10.90
C ALA A 436 23.82 35.50 10.48
N SER A 437 25.06 35.86 10.82
CA SER A 437 26.24 35.14 10.39
C SER A 437 26.82 34.21 11.46
N ASP A 438 26.08 33.99 12.55
CA ASP A 438 26.46 32.96 13.52
C ASP A 438 26.01 31.57 13.08
N LEU A 439 25.07 31.50 12.14
CA LEU A 439 24.52 30.23 11.71
C LEU A 439 25.54 29.38 10.98
N THR A 440 25.73 28.14 11.46
CA THR A 440 26.48 27.13 10.74
C THR A 440 25.75 25.81 10.86
N TRP A 441 25.90 24.95 9.86
CA TRP A 441 25.21 23.67 9.86
C TRP A 441 25.57 22.83 11.09
N ASP A 442 26.74 23.06 11.68
CA ASP A 442 27.21 22.22 12.77
C ASP A 442 26.40 22.39 14.06
N ASN A 443 25.68 23.49 14.20
CA ASN A 443 24.79 23.65 15.35
C ASN A 443 23.69 24.66 15.00
N LEU A 444 22.59 24.12 14.48
CA LEU A 444 21.35 24.87 14.35
C LEU A 444 20.41 24.61 15.53
N LYS A 445 20.90 23.97 16.59
CA LYS A 445 20.05 23.58 17.70
C LYS A 445 19.40 24.80 18.34
N GLY A 446 18.11 24.67 18.66
CA GLY A 446 17.35 25.75 19.27
C GLY A 446 17.04 26.90 18.33
N LYS A 447 16.93 26.61 17.03
CA LYS A 447 16.70 27.63 16.01
C LYS A 447 15.41 27.36 15.27
N LYS A 448 15.00 28.34 14.49
CA LYS A 448 13.73 28.31 13.80
C LYS A 448 13.88 27.75 12.39
N SER A 449 13.13 26.70 12.08
CA SER A 449 13.28 25.98 10.82
C SER A 449 12.02 26.11 9.97
N CYS A 450 12.23 26.11 8.66
CA CYS A 450 11.14 26.15 7.68
C CYS A 450 11.33 24.99 6.70
N HIS A 451 10.33 24.14 6.60
CA HIS A 451 10.36 22.98 5.70
C HIS A 451 9.20 23.06 4.72
N THR A 452 9.44 22.59 3.50
CA THR A 452 8.39 22.52 2.48
C THR A 452 7.17 21.76 2.99
N ALA A 453 7.45 20.56 3.51
CA ALA A 453 6.44 19.74 4.20
C ALA A 453 7.18 18.52 4.72
N VAL A 454 6.74 18.01 5.85
CA VAL A 454 7.33 16.82 6.41
C VAL A 454 7.09 15.63 5.48
N GLY A 455 8.16 14.90 5.18
CA GLY A 455 8.11 13.74 4.33
C GLY A 455 8.60 13.90 2.91
N ARG A 456 9.12 15.07 2.55
CA ARG A 456 9.50 15.35 1.18
C ARG A 456 11.01 15.52 1.08
N THR A 457 11.53 15.33 -0.11
CA THR A 457 12.98 15.25 -0.34
C THR A 457 13.73 16.44 0.24
N ALA A 458 13.56 17.61 -0.38
CA ALA A 458 14.37 18.77 -0.02
C ALA A 458 14.02 19.31 1.37
N GLY A 459 12.74 19.29 1.72
CA GLY A 459 12.29 19.95 2.93
C GLY A 459 12.46 19.14 4.19
N TRP A 460 12.59 17.83 4.07
CA TRP A 460 12.57 16.99 5.27
C TRP A 460 13.51 15.80 5.18
N ASN A 461 13.28 14.95 4.19
CA ASN A 461 13.97 13.66 4.14
C ASN A 461 15.50 13.81 4.12
N ILE A 462 16.00 14.71 3.29
CA ILE A 462 17.43 14.95 3.18
C ILE A 462 17.90 15.75 4.42
N PRO A 463 17.43 16.99 4.60
CA PRO A 463 17.91 17.77 5.76
C PRO A 463 17.80 17.01 7.08
N MET A 464 16.60 16.53 7.41
CA MET A 464 16.41 15.80 8.65
C MET A 464 17.03 14.42 8.61
N GLY A 465 17.26 13.88 7.40
CA GLY A 465 18.04 12.66 7.25
C GLY A 465 19.44 12.83 7.83
N LEU A 466 20.17 13.81 7.30
CA LEU A 466 21.52 14.09 7.80
C LEU A 466 21.48 14.46 9.29
N LEU A 467 20.55 15.32 9.65
CA LEU A 467 20.44 15.76 11.04
C LEU A 467 20.00 14.63 11.96
N TYR A 468 19.44 13.55 11.42
CA TYR A 468 19.16 12.36 12.25
C TYR A 468 20.47 11.69 12.69
N ASN A 469 21.47 11.69 11.82
CA ASN A 469 22.73 11.00 12.12
C ASN A 469 23.51 11.65 13.26
N LYS A 470 23.35 12.95 13.43
CA LYS A 470 24.15 13.68 14.42
C LYS A 470 23.46 13.90 15.77
N ILE A 471 22.17 13.58 15.87
CA ILE A 471 21.48 13.57 17.16
C ILE A 471 20.88 12.21 17.51
N ASN A 472 20.75 11.31 16.54
CA ASN A 472 20.31 9.92 16.79
C ASN A 472 18.85 9.86 17.27
N HIS A 473 18.01 10.69 16.69
CA HIS A 473 16.57 10.64 16.95
C HIS A 473 15.86 11.57 15.97
N CYS A 474 14.56 11.36 15.83
CA CYS A 474 13.75 12.10 14.85
C CYS A 474 12.69 12.97 15.51
N ARG A 475 12.81 13.23 16.80
CA ARG A 475 11.90 14.15 17.50
C ARG A 475 12.46 15.57 17.32
N PHE A 476 12.30 16.08 16.12
CA PHE A 476 12.95 17.32 15.70
C PHE A 476 12.31 18.57 16.28
N ASP A 477 11.06 18.48 16.70
CA ASP A 477 10.41 19.59 17.40
C ASP A 477 11.06 19.91 18.74
N GLU A 478 12.00 19.06 19.18
CA GLU A 478 12.80 19.33 20.37
C GLU A 478 14.21 19.81 20.05
N PHE A 479 14.77 19.40 18.92
CA PHE A 479 16.04 19.96 18.46
C PHE A 479 15.89 21.44 18.06
N PHE A 480 14.98 21.71 17.12
CA PHE A 480 14.62 23.09 16.81
C PHE A 480 13.76 23.68 17.93
N SER A 481 13.79 25.00 18.01
CA SER A 481 12.93 25.70 18.96
C SER A 481 11.49 25.69 18.47
N GLU A 482 11.27 26.28 17.29
CA GLU A 482 9.96 26.26 16.63
C GLU A 482 10.20 26.24 15.15
N GLY A 483 9.13 26.18 14.37
CA GLY A 483 9.24 26.11 12.94
C GLY A 483 7.90 25.94 12.28
N CYS A 484 7.93 25.81 10.95
CA CYS A 484 6.75 25.43 10.17
C CYS A 484 7.13 24.28 9.27
N ALA A 485 6.64 23.09 9.61
CA ALA A 485 6.83 21.88 8.83
C ALA A 485 5.43 21.34 8.52
N PRO A 486 4.81 21.83 7.45
CA PRO A 486 3.43 21.43 7.17
C PRO A 486 3.31 19.92 7.08
N GLY A 487 2.32 19.39 7.80
CA GLY A 487 2.15 17.95 7.97
C GLY A 487 2.45 17.47 9.38
N SER A 488 3.23 18.20 10.19
CA SER A 488 3.38 17.86 11.66
C SER A 488 2.03 17.95 12.44
N LYS A 489 1.93 17.31 13.63
CA LYS A 489 0.62 17.31 14.38
C LYS A 489 0.37 18.77 14.74
N LYS A 490 -0.82 19.36 14.51
CA LYS A 490 -1.00 20.86 14.59
C LYS A 490 -0.64 21.53 15.97
N ASP A 491 -0.59 20.75 17.07
CA ASP A 491 -0.08 21.15 18.41
C ASP A 491 1.50 21.15 18.50
N SER A 492 2.27 20.72 17.47
CA SER A 492 3.76 20.56 17.55
C SER A 492 4.43 21.93 17.49
N SER A 493 5.68 22.11 17.97
CA SER A 493 6.43 23.37 17.84
C SER A 493 6.84 23.66 16.39
N LEU A 494 6.83 22.64 15.53
CA LEU A 494 7.06 22.82 14.12
C LEU A 494 5.78 23.15 13.32
N CYS A 495 4.68 23.51 13.99
CA CYS A 495 3.50 24.15 13.34
C CYS A 495 3.33 25.63 13.83
N LYS A 496 4.16 26.20 14.75
CA LYS A 496 3.90 27.52 15.39
C LYS A 496 4.25 28.69 14.51
N LEU A 497 5.14 28.51 13.53
CA LEU A 497 5.49 29.59 12.60
C LEU A 497 4.60 29.60 11.37
N CYS A 498 3.81 28.52 11.14
CA CYS A 498 2.96 28.47 9.96
C CYS A 498 1.92 29.60 9.96
N MET A 499 1.41 29.93 8.78
CA MET A 499 0.60 31.13 8.58
C MET A 499 -0.85 30.87 8.20
N GLY A 500 -1.25 29.61 8.08
CA GLY A 500 -2.65 29.32 7.78
C GLY A 500 -3.56 29.70 8.92
N SER A 501 -4.82 29.94 8.59
CA SER A 501 -5.83 30.31 9.60
C SER A 501 -6.92 29.24 9.68
N GLY A 502 -7.40 28.90 10.88
CA GLY A 502 -8.50 27.90 11.01
C GLY A 502 -7.98 26.47 10.84
N LEU A 503 -8.79 25.58 10.23
CA LEU A 503 -8.31 24.21 9.89
C LEU A 503 -7.07 24.21 8.98
N ASN A 504 -6.91 25.18 8.07
CA ASN A 504 -5.65 25.25 7.23
C ASN A 504 -4.31 25.48 7.98
N LEU A 505 -4.28 25.89 9.25
CA LEU A 505 -2.96 26.13 9.91
C LEU A 505 -2.11 24.87 9.83
N CYS A 506 -0.89 24.97 9.35
CA CYS A 506 0.05 23.85 9.27
C CYS A 506 -0.40 22.65 8.43
N GLU A 507 -1.35 22.81 7.49
CA GLU A 507 -1.91 21.71 6.64
C GLU A 507 -0.95 21.65 5.41
N PRO A 508 -0.50 20.46 4.87
CA PRO A 508 0.44 20.34 3.73
C PRO A 508 -0.24 20.51 2.36
N ASN A 509 -0.85 21.67 2.15
CA ASN A 509 -1.44 22.01 0.86
C ASN A 509 -1.38 23.54 0.68
N ASN A 510 -2.05 24.04 -0.34
CA ASN A 510 -1.89 25.44 -0.74
C ASN A 510 -2.46 26.42 0.25
N LYS A 511 -3.51 26.03 1.00
CA LYS A 511 -4.11 26.96 1.95
C LYS A 511 -3.26 27.22 3.18
N GLU A 512 -2.06 26.62 3.24
CA GLU A 512 -1.01 27.02 4.19
C GLU A 512 0.07 27.76 3.41
N GLY A 513 0.21 29.05 3.69
CA GLY A 513 1.09 29.90 2.88
C GLY A 513 2.55 29.48 2.90
N TYR A 514 3.01 28.81 3.96
CA TYR A 514 4.39 28.38 4.08
C TYR A 514 4.61 26.97 3.60
N TYR A 515 3.64 26.40 2.89
CA TYR A 515 3.78 25.07 2.31
C TYR A 515 4.44 25.15 0.95
N GLY A 516 5.35 24.21 0.70
CA GLY A 516 6.01 24.12 -0.58
C GLY A 516 7.41 24.66 -0.59
N TYR A 517 8.06 24.54 -1.74
CA TYR A 517 9.40 25.03 -1.93
C TYR A 517 9.46 26.52 -1.58
N THR A 518 8.60 27.33 -2.21
CA THR A 518 8.71 28.77 -2.04
C THR A 518 8.13 29.23 -0.70
N GLY A 519 7.06 28.58 -0.28
CA GLY A 519 6.46 28.87 1.03
C GLY A 519 7.46 28.70 2.16
N ALA A 520 8.31 27.69 2.07
CA ALA A 520 9.35 27.49 3.06
C ALA A 520 10.38 28.64 3.02
N PHE A 521 10.66 29.14 1.83
CA PHE A 521 11.53 30.30 1.72
C PHE A 521 10.85 31.54 2.26
N ARG A 522 9.57 31.72 1.95
CA ARG A 522 8.82 32.82 2.55
C ARG A 522 8.89 32.72 4.08
N CYS A 523 8.67 31.52 4.60
CA CYS A 523 8.77 31.30 6.04
C CYS A 523 10.11 31.81 6.58
N LEU A 524 11.20 31.53 5.87
CA LEU A 524 12.51 32.06 6.25
C LEU A 524 12.49 33.59 6.23
N VAL A 525 11.97 34.16 5.15
CA VAL A 525 11.96 35.61 5.00
C VAL A 525 11.26 36.28 6.16
N GLU A 526 10.16 35.71 6.63
CA GLU A 526 9.28 36.42 7.58
C GLU A 526 9.48 36.04 9.05
N LYS A 527 9.90 34.84 9.34
CA LYS A 527 10.02 34.44 10.75
C LYS A 527 11.02 33.32 11.08
N GLY A 528 11.45 32.58 10.10
CA GLY A 528 12.40 31.49 10.35
C GLY A 528 13.86 31.89 10.31
N ASP A 529 14.71 30.97 10.74
CA ASP A 529 16.17 31.13 10.69
C ASP A 529 16.85 30.33 9.59
N VAL A 530 16.26 29.23 9.17
CA VAL A 530 16.82 28.39 8.08
C VAL A 530 15.67 27.77 7.31
N ALA A 531 15.84 27.67 5.99
CA ALA A 531 14.86 27.04 5.12
C ALA A 531 15.53 25.92 4.33
N PHE A 532 14.92 24.74 4.37
CA PHE A 532 15.41 23.58 3.63
C PHE A 532 14.62 23.50 2.33
N VAL A 533 15.32 23.65 1.21
CA VAL A 533 14.69 23.99 -0.06
C VAL A 533 15.59 23.43 -1.22
N LYS A 534 15.01 23.28 -2.45
CA LYS A 534 15.73 23.11 -3.76
C LYS A 534 16.66 24.32 -4.15
N HIS A 535 17.59 24.19 -5.11
CA HIS A 535 18.58 25.25 -5.49
C HIS A 535 18.01 26.42 -6.30
N GLN A 536 17.01 26.16 -7.16
CA GLN A 536 16.38 27.23 -7.97
C GLN A 536 15.38 28.08 -7.16
N THR A 537 15.09 27.88 -5.84
CA THR A 537 13.97 28.56 -5.14
C THR A 537 14.28 30.00 -4.81
N VAL A 538 15.46 30.24 -4.22
CA VAL A 538 15.85 31.61 -3.89
C VAL A 538 15.96 32.48 -5.16
N PRO A 539 16.76 32.06 -6.15
CA PRO A 539 16.83 32.87 -7.37
C PRO A 539 15.50 33.17 -8.04
N GLN A 540 14.66 32.13 -8.18
CA GLN A 540 13.35 32.28 -8.80
C GLN A 540 12.39 33.19 -7.95
N ASN A 541 12.62 33.55 -6.64
CA ASN A 541 11.73 34.38 -5.77
C ASN A 541 12.39 35.68 -5.26
N THR A 542 13.44 36.12 -5.95
CA THR A 542 14.13 37.33 -5.59
C THR A 542 14.34 38.19 -6.82
N GLY A 543 14.93 39.35 -6.62
CA GLY A 543 15.17 40.27 -7.73
C GLY A 543 13.92 40.65 -8.49
N GLY A 544 12.80 40.72 -7.79
CA GLY A 544 11.53 41.09 -8.39
C GLY A 544 10.87 40.02 -9.22
N LYS A 545 11.54 38.88 -9.42
CA LYS A 545 10.97 37.79 -10.25
C LYS A 545 9.65 37.30 -9.66
N ASN A 546 9.52 37.31 -8.35
CA ASN A 546 8.24 37.08 -7.70
C ASN A 546 7.65 38.43 -7.28
N PRO A 547 6.45 38.77 -7.78
CA PRO A 547 5.90 40.10 -7.50
C PRO A 547 5.12 40.25 -6.19
N ASP A 548 4.77 39.16 -5.54
CA ASP A 548 3.96 39.25 -4.31
C ASP A 548 4.73 40.08 -3.27
N PRO A 549 4.01 40.88 -2.47
CA PRO A 549 4.68 41.81 -1.58
C PRO A 549 5.83 41.19 -0.76
N TRP A 550 5.66 39.98 -0.25
CA TRP A 550 6.64 39.41 0.64
C TRP A 550 7.98 39.13 -0.03
N ALA A 551 7.98 38.95 -1.35
CA ALA A 551 9.22 38.62 -2.08
C ALA A 551 9.68 39.70 -3.07
N LYS A 552 8.80 40.67 -3.39
CA LYS A 552 9.06 41.60 -4.48
C LYS A 552 10.39 42.33 -4.34
N ASN A 553 10.70 42.79 -3.14
CA ASN A 553 11.87 43.67 -2.91
C ASN A 553 13.06 42.92 -2.33
N LEU A 554 13.12 41.59 -2.48
CA LEU A 554 14.23 40.83 -1.96
C LEU A 554 15.32 40.69 -3.04
N ASN A 555 16.56 40.56 -2.55
CA ASN A 555 17.73 40.37 -3.42
C ASN A 555 18.42 39.09 -2.97
N GLU A 556 18.80 38.25 -3.94
CA GLU A 556 19.36 36.95 -3.59
C GLU A 556 20.72 37.02 -2.91
N LYS A 557 21.35 38.19 -2.93
CA LYS A 557 22.64 38.37 -2.26
C LYS A 557 22.52 38.51 -0.75
N ASP A 558 21.32 38.83 -0.26
CA ASP A 558 21.06 38.88 1.17
C ASP A 558 20.95 37.50 1.80
N TYR A 559 21.03 36.44 1.00
CA TYR A 559 20.81 35.08 1.48
C TYR A 559 21.99 34.20 1.10
N GLU A 560 22.35 33.31 2.02
CA GLU A 560 23.44 32.36 1.82
C GLU A 560 22.95 30.93 2.03
N LEU A 561 23.80 29.99 1.63
CA LEU A 561 23.53 28.57 1.81
C LEU A 561 24.53 27.97 2.80
N LEU A 562 24.08 27.02 3.58
CA LEU A 562 24.94 26.29 4.50
C LEU A 562 25.45 25.03 3.80
N CYS A 563 26.78 24.92 3.72
CA CYS A 563 27.41 23.70 3.19
C CYS A 563 27.73 22.76 4.35
N LEU A 564 27.96 21.50 4.01
CA LEU A 564 28.10 20.45 5.02
C LEU A 564 29.43 20.53 5.79
N ASP A 565 30.46 21.08 5.17
CA ASP A 565 31.73 21.26 5.89
C ASP A 565 31.56 22.17 7.11
N GLY A 566 30.60 23.09 7.03
CA GLY A 566 30.36 24.04 8.11
C GLY A 566 30.44 25.50 7.70
N THR A 567 30.72 25.79 6.44
CA THR A 567 30.88 27.16 5.99
C THR A 567 29.56 27.72 5.47
N ARG A 568 29.63 28.87 4.82
CA ARG A 568 28.47 29.46 4.16
C ARG A 568 28.92 29.97 2.80
N LYS A 569 27.96 30.20 1.92
CA LYS A 569 28.26 30.45 0.52
C LYS A 569 27.07 31.11 -0.18
N PRO A 570 27.29 32.04 -1.13
CA PRO A 570 26.15 32.65 -1.81
C PRO A 570 25.23 31.64 -2.49
N VAL A 571 24.10 32.14 -2.93
CA VAL A 571 22.99 31.30 -3.38
C VAL A 571 23.26 30.65 -4.73
N GLU A 572 23.82 31.41 -5.66
CA GLU A 572 23.96 30.90 -7.02
C GLU A 572 25.13 29.96 -7.25
N GLU A 573 25.92 29.68 -6.22
CA GLU A 573 26.94 28.64 -6.31
C GLU A 573 26.57 27.47 -5.40
N TYR A 574 25.38 26.94 -5.63
CA TYR A 574 24.88 25.78 -4.88
C TYR A 574 25.67 24.51 -5.12
N ALA A 575 26.35 24.42 -6.27
CA ALA A 575 27.03 23.19 -6.65
C ALA A 575 27.99 22.70 -5.56
N ASN A 576 28.68 23.63 -4.91
CA ASN A 576 29.62 23.30 -3.84
C ASN A 576 29.03 23.47 -2.45
N CYS A 577 27.78 23.92 -2.35
CA CYS A 577 27.14 24.17 -1.05
C CYS A 577 25.73 23.58 -1.05
N HIS A 578 25.67 22.25 -0.98
CA HIS A 578 24.39 21.54 -0.93
C HIS A 578 24.46 20.44 0.11
N LEU A 579 23.29 20.05 0.60
CA LEU A 579 23.19 18.96 1.57
C LEU A 579 23.31 17.60 0.87
N ALA A 580 22.65 17.45 -0.27
CA ALA A 580 22.76 16.22 -1.07
C ALA A 580 22.02 16.43 -2.37
N ARG A 581 22.20 15.48 -3.29
CA ARG A 581 21.48 15.50 -4.55
C ARG A 581 20.11 14.87 -4.37
N ALA A 582 19.09 15.51 -4.92
CA ALA A 582 17.72 15.08 -4.70
C ALA A 582 17.23 14.27 -5.89
N PRO A 583 16.73 13.04 -5.68
CA PRO A 583 16.04 12.33 -6.74
C PRO A 583 14.92 13.15 -7.35
N ASN A 584 14.90 13.23 -8.67
CA ASN A 584 13.87 14.00 -9.35
C ASN A 584 12.49 13.47 -9.04
N HIS A 585 11.50 14.36 -9.13
CA HIS A 585 10.12 13.92 -9.10
C HIS A 585 9.91 12.89 -10.22
N ALA A 586 8.97 11.98 -9.99
CA ALA A 586 8.76 10.86 -10.90
C ALA A 586 7.30 10.50 -11.00
N VAL A 587 6.93 9.94 -12.14
CA VAL A 587 5.60 9.37 -12.34
C VAL A 587 5.61 7.95 -11.78
N VAL A 588 4.51 7.57 -11.12
CA VAL A 588 4.39 6.24 -10.55
C VAL A 588 3.10 5.62 -11.04
N THR A 589 3.11 4.30 -11.16
CA THR A 589 1.91 3.54 -11.52
C THR A 589 2.08 2.11 -11.05
N ARG A 590 1.10 1.26 -11.39
CA ARG A 590 1.19 -0.17 -11.12
C ARG A 590 2.08 -0.83 -12.15
N LYS A 591 2.74 -1.91 -11.73
CA LYS A 591 3.63 -2.62 -12.63
C LYS A 591 2.88 -3.18 -13.83
N ASP A 592 1.63 -3.58 -13.64
CA ASP A 592 0.82 -4.10 -14.75
C ASP A 592 0.43 -3.02 -15.76
N LYS A 593 0.85 -1.77 -15.54
CA LYS A 593 0.63 -0.70 -16.50
C LYS A 593 1.91 0.11 -16.77
N GLU A 594 3.04 -0.30 -16.20
CA GLU A 594 4.31 0.37 -16.45
C GLU A 594 4.57 0.57 -17.95
N ALA A 595 4.34 -0.47 -18.73
CA ALA A 595 4.66 -0.43 -20.16
C ALA A 595 3.77 0.55 -20.91
N CYS A 596 2.50 0.63 -20.55
CA CYS A 596 1.56 1.46 -21.30
C CYS A 596 1.52 2.91 -20.82
N VAL A 597 1.87 3.16 -19.55
CA VAL A 597 1.90 4.54 -19.07
C VAL A 597 3.15 5.25 -19.58
N HIS A 598 4.30 4.58 -19.55
CA HIS A 598 5.47 5.09 -20.23
C HIS A 598 5.11 5.56 -21.64
N LYS A 599 4.51 4.65 -22.41
CA LYS A 599 4.31 4.88 -23.84
C LYS A 599 3.33 6.03 -24.09
N ILE A 600 2.18 6.01 -23.43
CA ILE A 600 1.17 7.05 -23.66
C ILE A 600 1.73 8.45 -23.43
N LEU A 601 2.50 8.59 -22.36
CA LEU A 601 3.05 9.84 -21.91
C LEU A 601 4.12 10.41 -22.76
N ARG A 602 5.06 9.58 -23.18
CA ARG A 602 6.12 10.07 -24.04
C ARG A 602 5.53 10.61 -25.34
N GLN A 603 4.54 9.94 -25.91
CA GLN A 603 3.89 10.50 -27.07
C GLN A 603 3.27 11.82 -26.65
N GLN A 604 2.53 11.83 -25.56
CA GLN A 604 1.85 13.06 -25.15
C GLN A 604 2.82 14.15 -24.74
N GLN A 605 4.11 13.87 -24.88
CA GLN A 605 5.14 14.83 -24.51
C GLN A 605 5.79 15.52 -25.70
N HIS A 606 6.17 14.76 -26.73
CA HIS A 606 6.61 15.39 -27.99
C HIS A 606 5.41 15.91 -28.79
N LEU A 607 4.19 15.71 -28.29
CA LEU A 607 3.01 16.37 -28.83
C LEU A 607 2.57 17.59 -28.01
N PHE A 608 2.98 17.68 -26.75
CA PHE A 608 2.63 18.83 -25.90
C PHE A 608 3.75 19.25 -24.96
N GLY A 609 5.01 18.90 -25.27
CA GLY A 609 6.13 19.17 -24.37
C GLY A 609 6.77 20.51 -24.59
N SER A 610 8.09 20.57 -24.38
CA SER A 610 8.85 21.81 -24.52
C SER A 610 9.17 22.05 -25.98
N ASN A 611 8.13 22.41 -26.73
CA ASN A 611 8.24 22.60 -28.18
C ASN A 611 7.00 23.34 -28.69
N SER A 624 1.29 25.42 -16.79
CA SER A 624 0.26 25.47 -15.74
C SER A 624 -0.18 26.90 -15.47
N GLU A 625 -1.50 27.11 -15.40
CA GLU A 625 -2.05 28.46 -15.24
C GLU A 625 -1.66 29.14 -13.94
N THR A 626 -1.59 28.38 -12.85
CA THR A 626 -1.13 28.97 -11.58
C THR A 626 0.35 28.62 -11.40
N LYS A 627 0.65 27.67 -10.51
CA LYS A 627 2.01 27.17 -10.35
C LYS A 627 2.04 25.65 -10.19
N ASP A 628 2.84 24.96 -11.02
CA ASP A 628 3.23 23.58 -10.85
C ASP A 628 2.12 22.56 -10.76
N LEU A 629 1.05 22.66 -11.59
CA LEU A 629 -0.04 21.66 -11.59
C LEU A 629 0.41 20.37 -12.29
N LEU A 630 0.05 19.23 -11.72
CA LEU A 630 0.37 17.92 -12.28
C LEU A 630 1.87 17.65 -12.27
N PHE A 631 2.64 18.46 -12.97
CA PHE A 631 4.10 18.45 -12.87
C PHE A 631 4.61 19.84 -12.50
N ARG A 632 5.89 19.96 -12.12
CA ARG A 632 6.51 21.30 -11.87
C ARG A 632 6.65 21.88 -13.29
N ASP A 633 6.10 23.08 -13.67
CA ASP A 633 6.22 23.61 -15.11
C ASP A 633 7.72 23.82 -15.53
N ASP A 634 8.64 24.09 -14.59
CA ASP A 634 10.09 24.09 -14.96
C ASP A 634 10.61 22.71 -15.49
N THR A 635 9.94 21.59 -15.20
CA THR A 635 10.26 20.32 -15.92
C THR A 635 10.28 20.54 -17.45
N VAL A 636 11.35 20.12 -18.17
CA VAL A 636 11.49 20.22 -19.66
C VAL A 636 11.01 18.93 -20.44
N CYS A 637 11.21 17.69 -19.92
CA CYS A 637 10.86 16.40 -20.54
C CYS A 637 10.68 15.32 -19.45
N LEU A 638 10.11 14.20 -19.84
CA LEU A 638 9.91 13.04 -18.96
C LEU A 638 10.86 11.94 -19.41
N ALA A 639 11.83 11.61 -18.54
CA ALA A 639 12.87 10.64 -18.86
C ALA A 639 12.47 9.25 -18.44
N LYS A 640 13.05 8.26 -19.12
CA LYS A 640 12.94 6.88 -18.69
C LYS A 640 14.11 6.51 -17.80
N LEU A 641 13.94 5.46 -17.02
CA LEU A 641 14.89 5.09 -15.98
C LEU A 641 15.67 3.80 -16.30
N HIS A 642 15.36 3.12 -17.39
CA HIS A 642 16.00 1.86 -17.71
C HIS A 642 15.90 0.87 -16.53
N ASP A 643 16.95 0.84 -15.73
CA ASP A 643 17.16 -0.16 -14.71
C ASP A 643 16.63 0.26 -13.34
N ARG A 644 16.23 1.52 -13.19
CA ARG A 644 15.84 2.07 -11.89
C ARG A 644 14.32 2.24 -11.81
N ASN A 645 13.59 1.19 -12.17
CA ASN A 645 12.13 1.18 -12.13
C ASN A 645 11.60 0.61 -10.81
N THR A 646 12.40 0.71 -9.75
CA THR A 646 12.01 0.30 -8.40
C THR A 646 12.28 1.48 -7.46
N TYR A 647 11.47 1.60 -6.43
CA TYR A 647 11.65 2.72 -5.50
C TYR A 647 12.99 2.65 -4.78
N GLU A 648 13.56 1.45 -4.65
CA GLU A 648 14.86 1.26 -4.03
C GLU A 648 15.99 1.63 -4.98
N LYS A 649 15.84 1.30 -6.25
CA LYS A 649 16.87 1.55 -7.26
C LYS A 649 16.80 2.95 -7.84
N TYR A 650 15.67 3.63 -7.69
CA TYR A 650 15.50 5.00 -8.17
C TYR A 650 16.02 6.02 -7.17
N LEU A 651 15.71 5.83 -5.89
CA LEU A 651 16.10 6.79 -4.86
C LEU A 651 17.50 6.52 -4.35
N GLY A 652 17.96 5.27 -4.44
CA GLY A 652 19.26 4.89 -3.94
C GLY A 652 19.21 4.44 -2.49
N GLU A 653 20.23 3.68 -2.10
CA GLU A 653 20.24 3.02 -0.79
C GLU A 653 20.38 4.02 0.36
N GLU A 654 21.17 5.07 0.15
CA GLU A 654 21.43 6.02 1.22
C GLU A 654 20.22 6.88 1.53
N TYR A 655 19.36 7.10 0.54
CA TYR A 655 18.11 7.82 0.79
C TYR A 655 17.12 6.93 1.58
N VAL A 656 16.85 5.73 1.11
CA VAL A 656 15.89 4.85 1.77
C VAL A 656 16.34 4.54 3.22
N LYS A 657 17.65 4.42 3.40
CA LYS A 657 18.19 4.24 4.74
C LYS A 657 17.81 5.44 5.64
N ALA A 658 17.97 6.64 5.11
CA ALA A 658 17.61 7.85 5.85
C ALA A 658 16.11 7.87 6.16
N VAL A 659 15.29 7.66 5.13
CA VAL A 659 13.85 7.64 5.33
C VAL A 659 13.44 6.57 6.32
N GLY A 660 14.08 5.41 6.24
CA GLY A 660 13.84 4.36 7.23
C GLY A 660 14.03 4.84 8.65
N ASN A 661 14.99 5.73 8.85
CA ASN A 661 15.24 6.27 10.18
C ASN A 661 14.21 7.31 10.61
N LEU A 662 13.63 8.02 9.65
CA LEU A 662 12.64 9.05 9.94
C LEU A 662 11.22 8.52 10.03
N ARG A 663 10.95 7.34 9.48
CA ARG A 663 9.64 6.72 9.62
C ARG A 663 9.31 6.42 11.09
N LYS A 664 10.33 6.18 11.90
CA LYS A 664 10.14 5.99 13.33
C LYS A 664 9.26 7.10 13.93
N CYS A 665 9.39 8.32 13.40
CA CYS A 665 8.58 9.45 13.86
C CYS A 665 7.54 9.89 12.81
N SER A 666 7.24 9.03 11.84
CA SER A 666 6.32 9.39 10.76
C SER A 666 4.87 9.15 11.18
N THR A 667 3.97 9.98 10.65
CA THR A 667 2.55 9.90 10.98
C THR A 667 1.70 9.61 9.74
N SER A 668 2.29 9.02 8.71
CA SER A 668 1.58 8.78 7.44
C SER A 668 0.64 7.59 7.59
N SER A 669 -0.65 7.85 7.56
CA SER A 669 -1.64 6.80 7.76
C SER A 669 -1.66 5.80 6.60
N LEU A 670 -1.41 6.27 5.39
CA LEU A 670 -1.30 5.37 4.24
C LEU A 670 -0.08 4.44 4.35
N LEU A 671 1.07 5.00 4.70
CA LEU A 671 2.25 4.19 4.90
C LEU A 671 2.03 3.17 6.03
N GLU A 672 1.23 3.54 7.04
CA GLU A 672 0.93 2.61 8.11
C GLU A 672 0.09 1.43 7.60
N ALA A 673 -0.78 1.69 6.61
CA ALA A 673 -1.58 0.62 6.02
C ALA A 673 -0.74 -0.31 5.15
N CYS A 674 0.08 0.27 4.27
CA CYS A 674 0.91 -0.53 3.36
C CYS A 674 1.93 -1.37 4.12
N THR A 675 2.49 -0.80 5.18
CA THR A 675 3.45 -1.55 6.01
C THR A 675 2.74 -2.60 6.87
N PHE A 676 1.45 -2.47 7.08
CA PHE A 676 0.69 -3.52 7.74
C PHE A 676 0.63 -4.78 6.87
N ARG A 677 0.47 -4.58 5.56
CA ARG A 677 0.52 -5.68 4.62
C ARG A 677 1.94 -6.20 4.37
N ARG A 678 2.94 -5.35 4.56
CA ARG A 678 4.34 -5.71 4.33
C ARG A 678 5.22 -5.09 5.42
N PRO A 679 5.28 -5.75 6.59
CA PRO A 679 6.06 -5.23 7.73
C PRO A 679 7.57 -5.19 7.45
C1 MLI B . 9.26 19.41 -1.81
C2 MLI B . 10.59 18.71 -1.61
C3 MLI B . 8.38 18.72 -2.81
O6 MLI B . 11.14 18.81 -0.50
O7 MLI B . 11.10 18.08 -2.56
O8 MLI B . 7.17 18.62 -2.55
O9 MLI B . 8.87 18.28 -3.88
FE FE C . 10.52 17.72 -4.46
FE FE D . -7.50 -23.06 0.83
O29 8R6 E . -8.47 -19.79 5.38
C27 8R6 E . -9.28 -20.76 5.51
O26 8R6 E . -10.33 -20.90 4.62
C25 8R6 E . -11.24 -21.93 4.71
C33 8R6 E . -12.27 -22.04 3.78
C32 8R6 E . -13.15 -23.08 3.90
N34 8R6 E . -14.14 -23.14 3.03
C31 8R6 E . -13.07 -24.01 4.91
C30 8R6 E . -12.09 -23.96 5.87
C24 8R6 E . -11.17 -22.95 5.80
C23 8R6 E . -10.11 -22.85 6.77
C28 8R6 E . -10.02 -23.87 7.85
C22 8R6 E . -9.16 -21.76 6.65
C21 8R6 E . -8.05 -21.65 7.62
C19 8R6 E . -6.79 -21.84 6.80
O20 8R6 E . -6.25 -20.86 6.23
N18 8R6 E . -6.35 -23.06 6.70
C17 8R6 E . -7.09 -24.20 7.16
C16 8R6 E . -7.59 -25.07 6.04
C15 8R6 E . -6.69 -25.02 4.84
C14 8R6 E . -7.12 -25.84 3.65
C6 8R6 E . -8.34 -25.50 2.83
C7 8R6 E . -9.67 -25.80 3.53
O8 8R6 E . -9.70 -26.11 4.74
O9 8R6 E . -10.75 -25.76 2.86
N1 8R6 E . -8.28 -24.15 2.28
C2 8R6 E . -8.33 -23.10 3.30
C3 8R6 E . -7.09 -22.26 3.26
O4 8R6 E . -6.27 -22.32 4.19
O5 8R6 E . -6.90 -21.52 2.30
C10 8R6 E . -9.42 -24.02 1.35
C11 8R6 E . -9.86 -22.63 1.00
O12 8R6 E . -10.96 -22.50 0.53
O13 8R6 E . -9.16 -21.65 1.16
O29 8R6 F . 6.14 8.86 -34.82
C27 8R6 F . 6.68 8.82 -33.70
O26 8R6 F . 8.04 8.83 -33.59
C25 8R6 F . 8.69 8.78 -32.42
C33 8R6 F . 10.06 8.80 -32.39
C32 8R6 F . 10.72 8.77 -31.18
N34 8R6 F . 12.05 8.79 -31.13
C31 8R6 F . 10.03 8.71 -29.99
C30 8R6 F . 8.64 8.69 -29.97
C24 8R6 F . 7.93 8.71 -31.15
C23 8R6 F . 6.48 8.70 -31.19
C28 8R6 F . 5.65 8.65 -29.94
C22 8R6 F . 5.83 8.76 -32.51
C21 8R6 F . 4.34 8.72 -32.68
C19 8R6 F . 3.92 7.30 -32.50
O20 8R6 F . 3.29 6.72 -33.37
N18 8R6 F . 4.30 6.66 -31.41
C17 8R6 F . 4.20 5.27 -31.24
C16 8R6 F . 5.43 4.66 -31.88
C15 8R6 F . 5.73 3.28 -31.30
C14 8R6 F . 7.18 2.94 -31.58
C6 8R6 F . 8.08 3.85 -30.76
C7 8R6 F . 8.95 2.98 -29.91
O8 8R6 F . 10.15 2.84 -30.15
O9 8R6 F . 8.39 2.42 -28.96
N1 8R6 F . 8.76 4.86 -31.61
C2 8R6 F . 9.88 4.30 -32.42
C3 8R6 F . 10.13 5.16 -33.61
O4 8R6 F . 9.14 5.60 -34.28
O5 8R6 F . 11.33 5.38 -33.89
C10 8R6 F . 9.19 6.00 -30.81
C11 8R6 F . 10.31 5.70 -29.85
O12 8R6 F . 11.30 5.12 -30.24
O13 8R6 F . 10.22 6.07 -28.69
#